data_6OMG
#
_entry.id   6OMG
#
_cell.length_a   78.692
_cell.length_b   191.250
_cell.length_c   151.290
_cell.angle_alpha   90.000
_cell.angle_beta   90.000
_cell.angle_gamma   90.000
#
_symmetry.space_group_name_H-M   'C 2 2 21'
#
loop_
_entity.id
_entity.type
_entity.pdbx_description
1 polymer 'CHIMERIC T CELL ANTIGEN RECEPTOR ALPHA CHAIN VA14,VA24'
2 polymer 'CHIMERIC T CELL ANTIGEN RECEPTOR BETA CHAIN VB8.2, VB11'
3 polymer 'Antigen-presenting glycoprotein CD1d1'
4 polymer Beta-2-microglobulin
5 branched 2-acetamido-2-deoxy-beta-D-glucopyranose-(1-4)-2-acetamido-2-deoxy-beta-D-glucopyranose
6 branched 2-acetamido-2-deoxy-beta-D-glucopyranose-(1-4)-[alpha-L-fucopyranose-(1-6)]2-acetamido-2-deoxy-beta-D-glucopyranose
7 non-polymer GLYCEROL
8 non-polymer 'SODIUM ION'
9 non-polymer '(2R)-1-(alpha-D-glucopyranosyloxy)-3-(octadecanoyloxy)propan-2-yl (9Z)-octadec-9-enoate'
10 water water
#
loop_
_entity_poly.entity_id
_entity_poly.type
_entity_poly.pdbx_seq_one_letter_code
_entity_poly.pdbx_strand_id
1 'polypeptide(L)'
;MKTQVEQSPQSLVVRQGENCVLQCNYSVTPDNHLRWFKQDTGKGLVSLTVLVDQKDKTSNGRYSATLDKDAKHSTLHITA
TLLDDTATYICVVGDRGSALGRLHFGAGTQLIVIPDIQNPDPAVYQLRDSKSSDKSVCLFTDFDSQTNVSQSKDSDVYIT
DKCVLDMRSMDFKSNSAVAWSNKSDFACANAFNNSIIPEDTFFPSPESS
;
C
2 'polypeptide(L)'
;MEAAVTQSPRNKVAVTGGKVTLSCNQTNNHNNMYWYRQDTGHGLRLIHYSYGAGSTEKGDIPDGYKASRPSQENFSLILE
LATPSQTSVYFCASGDEGYTQYFGPGTRLLVLEDLRNVTPPKVSLFEPSKAEISHTQKATLVCLATGFYPDHVELSWWVN
GKEVHSGVCTDPQPLKEQPALNDSRYSLSSRLRVSATFWQNPRNHFRCQVQFYGLSENDEWTQDRAKPVTQIVSAEAWGR
A
;
D
3 'polypeptide(L)'
;SEAQQKNYTFRCLQMSSFANRSWSRTDSVVWLGDLQTHRWSNDSATISFTKPWSQGKLSNQQWEKLQHMFQVYRVSFTRD
IQELVKMMSPKEDYPIEIQLSAGCEMYPGNASESFLHVAFQGKYVVRFWGTSWQTVPGAPSWLDLPIKVLNADQGTSATV
QMLLNDTCPLFVRGLLEAGKSDLEKQEKPVAWLSSVPSSAHGHRQLVCHVSGFYPKPVWVMWMRGDQEQQGTHRGDFLPN
ADETWYLQATLDVEAGEEAGLACRVKHSSLGGQDIILYWHHHHHH
;
A
4 'polypeptide(L)'
;IQKTPQIQVYSRHPPENGKPNILNCYVTQFHPPHIEIQMLKNGKKIPKVEMSDMSFSKDWSFYILAHTEFTPTETDTYAC
RVKHASMAEPKTVYWDRDM
;
B
#
loop_
_chem_comp.id
_chem_comp.type
_chem_comp.name
_chem_comp.formula
FUC L-saccharide, alpha linking alpha-L-fucopyranose 'C6 H12 O5'
GOL non-polymer GLYCEROL 'C3 H8 O3'
MVV non-polymer '(2R)-1-(alpha-D-glucopyranosyloxy)-3-(octadecanoyloxy)propan-2-yl (9Z)-octadec-9-enoate' 'C45 H84 O10'
NA non-polymer 'SODIUM ION' 'Na 1'
NAG D-saccharide, beta linking 2-acetamido-2-deoxy-beta-D-glucopyranose 'C8 H15 N O6'
#
# COMPACT_ATOMS: atom_id res chain seq x y z
N LYS A 2 -8.53 12.78 10.90
CA LYS A 2 -9.45 12.59 9.76
C LYS A 2 -8.78 11.72 8.68
N THR A 3 -7.49 11.97 8.36
CA THR A 3 -6.70 11.23 7.33
C THR A 3 -5.39 10.72 7.94
N GLN A 4 -4.64 9.91 7.20
CA GLN A 4 -3.41 9.24 7.71
C GLN A 4 -2.17 10.11 7.51
N VAL A 5 -2.25 11.15 6.69
CA VAL A 5 -1.10 12.08 6.41
C VAL A 5 -1.61 13.51 6.57
N GLU A 6 -1.00 14.26 7.50
CA GLU A 6 -1.39 15.66 7.84
C GLU A 6 -0.19 16.58 7.63
N GLN A 7 -0.42 17.69 6.94
CA GLN A 7 0.61 18.69 6.62
C GLN A 7 0.24 19.97 7.36
N SER A 8 1.25 20.68 7.85
CA SER A 8 1.16 22.00 8.50
C SER A 8 2.36 22.82 8.02
N PRO A 9 2.26 24.16 7.86
CA PRO A 9 0.97 24.86 7.87
C PRO A 9 0.09 24.46 6.68
N GLN A 10 -1.19 24.80 6.72
CA GLN A 10 -2.11 24.67 5.55
C GLN A 10 -1.62 25.62 4.45
N SER A 11 -1.23 26.84 4.82
CA SER A 11 -0.67 27.82 3.85
C SER A 11 0.20 28.84 4.59
N LEU A 12 1.08 29.51 3.85
CA LEU A 12 1.96 30.53 4.43
C LEU A 12 2.46 31.45 3.31
N VAL A 13 2.72 32.70 3.69
CA VAL A 13 3.25 33.78 2.81
C VAL A 13 4.61 34.15 3.40
N VAL A 14 5.67 34.08 2.60
CA VAL A 14 7.02 34.55 3.01
C VAL A 14 7.51 35.54 1.98
N ARG A 15 8.54 36.30 2.33
CA ARG A 15 9.20 37.25 1.40
C ARG A 15 10.42 36.54 0.81
N GLN A 16 10.72 36.84 -0.46
CA GLN A 16 11.90 36.32 -1.19
C GLN A 16 13.12 36.39 -0.28
N GLY A 17 13.91 35.33 -0.22
CA GLY A 17 15.16 35.33 0.56
C GLY A 17 14.95 34.77 1.96
N GLU A 18 13.71 34.72 2.47
CA GLU A 18 13.42 34.11 3.80
C GLU A 18 13.45 32.59 3.64
N ASN A 19 13.82 31.88 4.71
CA ASN A 19 13.70 30.41 4.82
C ASN A 19 12.31 30.07 5.36
N CYS A 20 11.81 28.87 5.08
CA CYS A 20 10.59 28.34 5.73
C CYS A 20 10.74 26.84 5.95
N VAL A 21 9.90 26.30 6.84
N VAL A 21 9.94 26.28 6.87
CA VAL A 21 9.86 24.85 7.20
CA VAL A 21 9.90 24.82 7.17
C VAL A 21 8.42 24.37 6.99
C VAL A 21 8.45 24.34 7.03
N LEU A 22 8.27 23.23 6.31
CA LEU A 22 6.96 22.57 6.08
C LEU A 22 6.97 21.25 6.87
N GLN A 23 5.85 20.89 7.50
CA GLN A 23 5.74 19.70 8.39
C GLN A 23 4.83 18.66 7.74
N CYS A 24 5.16 17.39 7.97
CA CYS A 24 4.33 16.24 7.59
C CYS A 24 4.31 15.27 8.77
N ASN A 25 3.10 14.97 9.26
CA ASN A 25 2.88 13.97 10.33
C ASN A 25 1.94 12.91 9.77
N TYR A 26 2.23 11.64 10.05
CA TYR A 26 1.44 10.53 9.49
C TYR A 26 1.25 9.43 10.54
N SER A 27 0.21 8.62 10.34
CA SER A 27 -0.09 7.40 11.13
C SER A 27 0.06 6.16 10.25
N VAL A 28 0.41 6.32 8.96
CA VAL A 28 0.57 5.19 8.00
C VAL A 28 1.48 4.12 8.62
N THR A 29 1.08 2.85 8.53
CA THR A 29 1.86 1.69 9.03
C THR A 29 1.77 0.54 8.04
N PRO A 30 2.92 -0.05 7.64
CA PRO A 30 4.24 0.53 7.87
C PRO A 30 4.52 1.73 6.96
N ASP A 31 5.63 2.41 7.27
CA ASP A 31 6.12 3.63 6.59
C ASP A 31 7.42 3.27 5.88
N ASN A 32 7.35 2.80 4.63
CA ASN A 32 8.55 2.40 3.87
C ASN A 32 9.37 3.64 3.51
N HIS A 33 8.71 4.66 2.98
CA HIS A 33 9.40 5.89 2.53
C HIS A 33 8.44 7.06 2.51
N LEU A 34 8.99 8.26 2.45
CA LEU A 34 8.22 9.53 2.41
C LEU A 34 8.84 10.41 1.34
N ARG A 35 8.00 10.89 0.42
CA ARG A 35 8.42 11.75 -0.70
C ARG A 35 7.79 13.13 -0.55
N TRP A 36 8.55 14.16 -0.90
CA TRP A 36 8.07 15.55 -1.05
C TRP A 36 7.95 15.87 -2.54
N PHE A 37 6.75 16.25 -2.95
CA PHE A 37 6.42 16.77 -4.29
C PHE A 37 6.23 18.29 -4.20
N LYS A 38 6.66 18.97 -5.26
CA LYS A 38 6.29 20.36 -5.56
C LYS A 38 5.28 20.31 -6.69
N GLN A 39 4.14 20.99 -6.54
CA GLN A 39 3.13 21.13 -7.61
C GLN A 39 2.85 22.62 -7.83
N ASP A 40 3.35 23.17 -8.94
CA ASP A 40 3.01 24.52 -9.45
C ASP A 40 1.55 24.53 -9.88
N THR A 41 0.95 25.72 -9.96
CA THR A 41 -0.50 25.91 -10.23
C THR A 41 -0.85 25.25 -11.56
N GLY A 42 -1.87 24.40 -11.55
CA GLY A 42 -2.38 23.65 -12.72
C GLY A 42 -1.32 22.80 -13.41
N LYS A 43 -0.23 22.44 -12.72
CA LYS A 43 0.83 21.58 -13.30
C LYS A 43 0.85 20.25 -12.53
N GLY A 44 1.91 19.47 -12.71
CA GLY A 44 2.02 18.11 -12.20
C GLY A 44 2.97 18.02 -11.04
N LEU A 45 3.32 16.80 -10.67
CA LEU A 45 4.06 16.52 -9.41
C LEU A 45 5.53 16.41 -9.73
N VAL A 46 6.35 17.27 -9.13
CA VAL A 46 7.84 17.21 -9.28
C VAL A 46 8.41 16.71 -7.96
N SER A 47 9.06 15.54 -7.97
CA SER A 47 9.71 14.95 -6.78
C SER A 47 10.88 15.84 -6.35
N LEU A 48 10.92 16.26 -5.08
CA LEU A 48 12.05 17.06 -4.54
C LEU A 48 13.04 16.12 -3.85
N THR A 49 12.54 15.12 -3.12
CA THR A 49 13.36 14.21 -2.30
C THR A 49 12.51 13.01 -1.86
N VAL A 50 13.18 11.89 -1.58
CA VAL A 50 12.56 10.72 -0.94
C VAL A 50 13.46 10.31 0.22
N LEU A 51 12.85 10.07 1.38
CA LEU A 51 13.55 9.65 2.62
C LEU A 51 13.11 8.21 2.94
N VAL A 52 14.06 7.33 3.27
CA VAL A 52 13.81 5.86 3.37
C VAL A 52 14.24 5.29 4.73
N ASP A 53 15.13 5.95 5.49
CA ASP A 53 15.75 5.40 6.73
C ASP A 53 14.98 5.86 7.97
N GLN A 54 15.13 5.10 9.06
CA GLN A 54 14.46 5.32 10.37
C GLN A 54 14.69 6.77 10.81
N LYS A 55 15.93 7.24 10.65
CA LYS A 55 16.35 8.65 10.89
C LYS A 55 17.07 9.07 9.62
N ASP A 56 16.46 9.96 8.83
CA ASP A 56 17.00 10.26 7.49
C ASP A 56 17.10 11.76 7.32
N LYS A 57 18.06 12.17 6.50
CA LYS A 57 18.36 13.55 6.09
C LYS A 57 18.69 13.50 4.61
N THR A 58 18.12 14.39 3.82
CA THR A 58 18.42 14.51 2.37
C THR A 58 18.54 16.00 2.07
N SER A 59 19.11 16.28 0.91
CA SER A 59 19.28 17.66 0.43
C SER A 59 19.19 17.62 -1.09
N ASN A 60 18.71 18.70 -1.67
CA ASN A 60 18.56 18.88 -3.13
C ASN A 60 18.57 20.39 -3.35
N GLY A 61 19.75 20.96 -3.61
CA GLY A 61 19.97 22.42 -3.71
C GLY A 61 19.48 23.13 -2.46
N ARG A 62 18.51 24.02 -2.60
CA ARG A 62 17.98 24.87 -1.50
C ARG A 62 16.98 24.06 -0.64
N TYR A 63 16.61 22.85 -1.06
CA TYR A 63 15.69 21.94 -0.33
C TYR A 63 16.52 21.01 0.56
N SER A 64 16.15 20.89 1.83
CA SER A 64 16.62 19.80 2.72
C SER A 64 15.42 19.24 3.48
N ALA A 65 15.50 17.98 3.88
CA ALA A 65 14.41 17.27 4.55
C ALA A 65 14.98 16.37 5.63
N THR A 66 14.17 16.11 6.66
CA THR A 66 14.42 15.13 7.72
C THR A 66 13.25 14.14 7.74
N LEU A 67 13.51 12.91 8.17
CA LEU A 67 12.47 11.92 8.50
C LEU A 67 12.86 11.23 9.82
N ASP A 68 11.91 11.16 10.73
CA ASP A 68 12.01 10.38 11.98
C ASP A 68 10.82 9.43 12.00
N LYS A 69 11.04 8.17 11.61
CA LYS A 69 10.00 7.10 11.52
C LYS A 69 9.43 6.77 12.90
N ASP A 70 10.20 6.90 13.98
CA ASP A 70 9.69 6.69 15.36
C ASP A 70 8.60 7.75 15.66
N ALA A 71 8.85 9.02 15.37
CA ALA A 71 7.90 10.12 15.61
C ALA A 71 6.87 10.20 14.48
N LYS A 72 7.11 9.55 13.34
CA LYS A 72 6.27 9.63 12.11
C LYS A 72 6.12 11.09 11.72
N HIS A 73 7.26 11.73 11.50
CA HIS A 73 7.38 13.18 11.29
C HIS A 73 8.48 13.43 10.26
N SER A 74 8.19 14.31 9.31
CA SER A 74 9.17 14.82 8.33
C SER A 74 9.05 16.34 8.25
N THR A 75 10.15 17.02 8.01
CA THR A 75 10.19 18.47 7.69
C THR A 75 10.86 18.64 6.33
N LEU A 76 10.35 19.59 5.55
CA LEU A 76 11.00 20.11 4.32
C LEU A 76 11.41 21.55 4.63
N HIS A 77 12.70 21.83 4.51
N HIS A 77 12.70 21.85 4.52
CA HIS A 77 13.31 23.17 4.70
CA HIS A 77 13.26 23.21 4.71
C HIS A 77 13.59 23.75 3.30
C HIS A 77 13.60 23.77 3.32
N ILE A 78 13.09 24.96 3.01
CA ILE A 78 13.46 25.71 1.79
C ILE A 78 14.32 26.88 2.26
N THR A 79 15.59 26.90 1.85
CA THR A 79 16.54 28.00 2.14
C THR A 79 16.40 29.08 1.06
N ALA A 80 16.33 30.35 1.47
CA ALA A 80 16.43 31.53 0.59
C ALA A 80 15.39 31.43 -0.53
N THR A 81 14.11 31.56 -0.19
CA THR A 81 12.96 31.30 -1.10
C THR A 81 13.07 32.24 -2.31
N LEU A 82 12.64 31.74 -3.47
CA LEU A 82 12.54 32.50 -4.73
C LEU A 82 11.08 32.47 -5.16
N LEU A 83 10.70 33.41 -6.02
CA LEU A 83 9.34 33.54 -6.58
C LEU A 83 8.85 32.18 -7.08
N ASP A 84 9.73 31.40 -7.72
CA ASP A 84 9.41 30.09 -8.37
C ASP A 84 9.12 29.00 -7.33
N ASP A 85 9.37 29.24 -6.03
CA ASP A 85 8.98 28.29 -4.95
C ASP A 85 7.48 28.40 -4.65
N THR A 86 6.81 29.43 -5.16
CA THR A 86 5.34 29.60 -5.03
C THR A 86 4.69 28.36 -5.66
N ALA A 87 4.06 27.52 -4.83
CA ALA A 87 3.56 26.20 -5.25
C ALA A 87 2.86 25.55 -4.05
N THR A 88 2.24 24.40 -4.30
CA THR A 88 1.76 23.47 -3.26
C THR A 88 2.83 22.39 -3.06
N TYR A 89 3.18 22.12 -1.82
CA TYR A 89 4.18 21.09 -1.42
C TYR A 89 3.40 19.94 -0.79
N ILE A 90 3.60 18.73 -1.33
CA ILE A 90 2.79 17.54 -0.98
C ILE A 90 3.70 16.46 -0.42
N CYS A 91 3.28 15.95 0.73
CA CYS A 91 3.90 14.83 1.44
C CYS A 91 3.15 13.56 1.05
N VAL A 92 3.90 12.49 0.71
N VAL A 92 3.89 12.47 0.77
CA VAL A 92 3.35 11.15 0.35
CA VAL A 92 3.30 11.17 0.39
C VAL A 92 4.12 10.07 1.12
C VAL A 92 4.10 10.04 1.06
N VAL A 93 3.39 9.14 1.75
CA VAL A 93 4.00 7.99 2.47
C VAL A 93 3.62 6.72 1.71
N GLY A 94 4.63 5.95 1.28
CA GLY A 94 4.46 4.61 0.68
C GLY A 94 4.58 3.55 1.74
N ASP A 95 3.59 2.66 1.83
CA ASP A 95 3.47 1.65 2.94
C ASP A 95 4.20 0.35 2.57
N ARG A 96 4.87 0.27 1.40
CA ARG A 96 5.75 -0.88 1.03
C ARG A 96 6.96 -0.41 0.21
N GLY A 97 8.02 -1.21 0.22
CA GLY A 97 9.19 -1.04 -0.64
C GLY A 97 9.04 -1.78 -1.98
N SER A 98 7.81 -2.01 -2.44
CA SER A 98 7.49 -2.63 -3.75
C SER A 98 6.16 -2.12 -4.29
N ALA A 99 5.79 -2.59 -5.49
CA ALA A 99 4.52 -2.30 -6.19
C ALA A 99 3.29 -2.80 -5.42
N LEU A 100 3.45 -3.64 -4.39
CA LEU A 100 2.36 -4.04 -3.47
C LEU A 100 1.97 -2.86 -2.55
N GLY A 101 2.72 -1.76 -2.60
CA GLY A 101 2.50 -0.53 -1.80
C GLY A 101 1.30 0.27 -2.27
N ARG A 102 0.65 0.94 -1.31
CA ARG A 102 -0.31 2.05 -1.53
C ARG A 102 0.39 3.35 -1.13
N LEU A 103 0.11 4.42 -1.87
CA LEU A 103 0.59 5.78 -1.55
C LEU A 103 -0.49 6.48 -0.72
N HIS A 104 -0.06 7.17 0.33
CA HIS A 104 -0.95 7.97 1.22
C HIS A 104 -0.54 9.44 1.07
N PHE A 105 -1.37 10.23 0.41
CA PHE A 105 -1.06 11.64 0.04
C PHE A 105 -1.60 12.58 1.12
N GLY A 106 -0.76 13.51 1.57
CA GLY A 106 -1.21 14.70 2.31
C GLY A 106 -1.93 15.65 1.38
N ALA A 107 -2.77 16.52 1.92
CA ALA A 107 -3.58 17.50 1.17
C ALA A 107 -2.73 18.71 0.75
N GLY A 108 -1.48 18.82 1.21
CA GLY A 108 -0.54 19.83 0.69
C GLY A 108 -0.46 21.07 1.56
N THR A 109 0.66 21.80 1.44
CA THR A 109 0.88 23.15 2.02
C THR A 109 1.04 24.14 0.86
N GLN A 110 0.25 25.22 0.83
CA GLN A 110 0.37 26.28 -0.21
C GLN A 110 1.41 27.31 0.26
N LEU A 111 2.50 27.46 -0.47
CA LEU A 111 3.53 28.49 -0.19
C LEU A 111 3.35 29.63 -1.20
N ILE A 112 3.23 30.88 -0.72
CA ILE A 112 3.38 32.08 -1.60
C ILE A 112 4.66 32.81 -1.21
N VAL A 113 5.48 33.14 -2.21
CA VAL A 113 6.73 33.93 -2.03
C VAL A 113 6.54 35.29 -2.71
N ILE A 114 6.53 36.37 -1.92
CA ILE A 114 6.41 37.76 -2.41
C ILE A 114 7.77 38.18 -2.96
N PRO A 115 7.84 38.59 -4.25
CA PRO A 115 9.12 38.91 -4.86
C PRO A 115 9.59 40.28 -4.37
N ASP A 116 10.91 40.45 -4.36
CA ASP A 116 11.61 41.70 -3.96
C ASP A 116 11.71 42.60 -5.19
N ILE A 117 10.99 43.71 -5.22
CA ILE A 117 11.08 44.73 -6.30
C ILE A 117 12.06 45.82 -5.85
N GLN A 118 13.31 45.75 -6.34
CA GLN A 118 14.44 46.62 -5.90
C GLN A 118 14.15 48.07 -6.33
N ASN A 119 13.85 48.29 -7.62
CA ASN A 119 13.86 49.62 -8.28
C ASN A 119 12.48 49.95 -8.82
N PRO A 120 11.46 50.17 -7.96
CA PRO A 120 10.11 50.46 -8.43
C PRO A 120 10.06 51.75 -9.27
N ASP A 121 9.14 51.81 -10.24
CA ASP A 121 8.90 52.96 -11.15
C ASP A 121 7.41 53.02 -11.47
N PRO A 122 6.53 53.13 -10.45
CA PRO A 122 5.08 52.99 -10.66
C PRO A 122 4.56 53.94 -11.75
N ALA A 123 3.73 53.41 -12.66
CA ALA A 123 3.23 54.13 -13.86
C ALA A 123 1.93 53.50 -14.35
N VAL A 124 1.13 54.29 -15.07
CA VAL A 124 -0.12 53.83 -15.72
C VAL A 124 -0.04 54.19 -17.20
N TYR A 125 0.09 53.18 -18.06
CA TYR A 125 0.24 53.35 -19.53
C TYR A 125 -1.06 52.95 -20.21
N GLN A 126 -1.33 53.58 -21.35
CA GLN A 126 -2.48 53.20 -22.22
C GLN A 126 -1.91 52.43 -23.41
N LEU A 127 -2.51 51.28 -23.71
CA LEU A 127 -2.09 50.37 -24.82
C LEU A 127 -3.26 50.26 -25.79
N ARG A 128 -3.01 50.33 -27.09
CA ARG A 128 -4.09 50.27 -28.12
C ARG A 128 -4.13 48.89 -28.77
N ASP A 129 -5.35 48.45 -29.10
CA ASP A 129 -5.66 47.18 -29.81
C ASP A 129 -4.94 47.18 -31.16
N SER A 130 -4.28 46.06 -31.49
CA SER A 130 -3.48 45.87 -32.73
C SER A 130 -4.36 46.05 -33.98
N LYS A 131 -5.65 45.70 -33.89
CA LYS A 131 -6.60 45.68 -35.03
C LYS A 131 -7.42 46.97 -35.01
N SER A 132 -8.44 47.05 -34.14
CA SER A 132 -9.37 48.20 -34.03
C SER A 132 -8.90 49.16 -32.93
N SER A 133 -8.11 50.17 -33.30
CA SER A 133 -7.26 50.99 -32.39
C SER A 133 -8.10 51.97 -31.56
N ASP A 134 -9.44 52.00 -31.73
CA ASP A 134 -10.37 52.71 -30.82
C ASP A 134 -10.44 51.98 -29.47
N LYS A 135 -10.18 50.67 -29.43
CA LYS A 135 -10.11 49.84 -28.19
C LYS A 135 -8.75 50.05 -27.50
N SER A 136 -8.73 50.05 -26.16
CA SER A 136 -7.48 50.17 -25.37
C SER A 136 -7.60 49.52 -23.99
N VAL A 137 -6.47 49.29 -23.33
CA VAL A 137 -6.41 48.87 -21.91
C VAL A 137 -5.51 49.87 -21.18
N CYS A 138 -5.62 49.89 -19.85
CA CYS A 138 -4.73 50.64 -18.94
C CYS A 138 -3.85 49.65 -18.16
N LEU A 139 -2.53 49.84 -18.24
CA LEU A 139 -1.54 48.97 -17.57
C LEU A 139 -0.91 49.75 -16.42
N PHE A 140 -1.23 49.36 -15.19
CA PHE A 140 -0.55 49.84 -13.96
C PHE A 140 0.63 48.89 -13.70
N THR A 141 1.86 49.36 -13.80
CA THR A 141 3.07 48.50 -13.75
C THR A 141 4.15 49.12 -12.88
N ASP A 142 5.11 48.28 -12.47
CA ASP A 142 6.42 48.67 -11.89
C ASP A 142 6.23 49.20 -10.45
N PHE A 143 5.15 48.79 -9.77
CA PHE A 143 4.91 49.12 -8.34
C PHE A 143 5.50 48.00 -7.48
N ASP A 144 5.94 48.34 -6.25
CA ASP A 144 6.55 47.36 -5.33
C ASP A 144 5.41 46.58 -4.64
N SER A 145 5.77 45.51 -3.92
CA SER A 145 4.82 44.51 -3.40
C SER A 145 4.05 45.03 -2.17
N GLN A 146 4.31 46.27 -1.74
CA GLN A 146 3.50 46.95 -0.70
C GLN A 146 2.15 47.40 -1.30
N THR A 147 2.14 47.78 -2.59
CA THR A 147 0.93 48.34 -3.27
C THR A 147 -0.10 47.22 -3.46
N ASN A 148 -1.34 47.47 -3.04
CA ASN A 148 -2.53 46.58 -3.24
C ASN A 148 -3.38 47.17 -4.35
N VAL A 149 -3.83 46.33 -5.29
CA VAL A 149 -4.74 46.71 -6.41
C VAL A 149 -6.15 46.27 -6.02
N SER A 150 -7.09 47.20 -5.94
CA SER A 150 -8.50 46.91 -5.58
C SER A 150 -9.33 46.77 -6.87
N GLN A 151 -10.34 45.89 -6.85
CA GLN A 151 -11.41 45.79 -7.88
C GLN A 151 -12.08 47.17 -8.01
N SER A 152 -12.68 47.46 -9.16
CA SER A 152 -13.32 48.78 -9.42
C SER A 152 -14.66 48.86 -8.68
N LYS A 153 -15.10 50.09 -8.35
CA LYS A 153 -16.45 50.40 -7.82
C LYS A 153 -17.47 50.25 -8.96
N ASP A 154 -17.14 50.79 -10.14
CA ASP A 154 -17.94 50.66 -11.39
C ASP A 154 -17.82 49.22 -11.92
N SER A 155 -18.96 48.51 -12.04
CA SER A 155 -19.03 47.08 -12.44
C SER A 155 -18.92 46.92 -13.97
N ASP A 156 -18.87 48.03 -14.71
CA ASP A 156 -18.60 48.02 -16.18
C ASP A 156 -17.12 48.31 -16.44
N VAL A 157 -16.33 48.50 -15.38
CA VAL A 157 -14.83 48.59 -15.45
C VAL A 157 -14.28 47.26 -14.95
N TYR A 158 -13.32 46.67 -15.67
CA TYR A 158 -12.66 45.40 -15.28
C TYR A 158 -11.22 45.69 -14.86
N ILE A 159 -10.82 45.15 -13.71
CA ILE A 159 -9.44 45.31 -13.16
C ILE A 159 -9.00 43.93 -12.69
N THR A 160 -7.84 43.48 -13.17
CA THR A 160 -7.24 42.16 -12.80
C THR A 160 -6.51 42.33 -11.47
N ASP A 161 -6.27 41.22 -10.77
CA ASP A 161 -5.36 41.20 -9.61
C ASP A 161 -3.95 41.47 -10.13
N LYS A 162 -3.02 41.85 -9.23
CA LYS A 162 -1.61 42.05 -9.62
C LYS A 162 -1.03 40.70 -10.03
N CYS A 163 0.07 40.75 -10.77
CA CYS A 163 0.72 39.59 -11.42
C CYS A 163 2.20 39.95 -11.61
N VAL A 164 3.13 39.10 -11.16
CA VAL A 164 4.59 39.40 -11.30
C VAL A 164 5.15 38.59 -12.47
N LEU A 165 5.87 39.26 -13.37
CA LEU A 165 6.60 38.59 -14.47
C LEU A 165 8.09 38.72 -14.21
N ASP A 166 8.84 37.82 -14.84
CA ASP A 166 10.28 37.63 -14.62
C ASP A 166 10.94 37.58 -15.99
N MET A 167 11.59 38.68 -16.36
CA MET A 167 12.46 38.78 -17.57
C MET A 167 13.81 38.17 -17.18
N ARG A 168 13.90 36.84 -17.32
CA ARG A 168 14.97 36.00 -16.69
C ARG A 168 16.35 36.44 -17.16
N SER A 169 16.53 36.67 -18.46
CA SER A 169 17.83 37.03 -19.09
C SER A 169 18.34 38.35 -18.54
N MET A 170 17.44 39.25 -18.10
CA MET A 170 17.78 40.59 -17.55
C MET A 170 17.76 40.59 -16.01
N ASP A 171 17.43 39.44 -15.37
CA ASP A 171 17.28 39.29 -13.90
C ASP A 171 16.38 40.43 -13.37
N PHE A 172 15.17 40.55 -13.92
CA PHE A 172 14.26 41.69 -13.67
C PHE A 172 12.83 41.17 -13.46
N LYS A 173 12.21 41.60 -12.36
CA LYS A 173 10.80 41.29 -12.03
C LYS A 173 9.99 42.58 -12.00
N SER A 174 8.72 42.52 -12.40
CA SER A 174 7.80 43.68 -12.32
C SER A 174 6.38 43.18 -12.08
N ASN A 175 5.65 43.92 -11.23
CA ASN A 175 4.22 43.75 -10.95
C ASN A 175 3.44 44.52 -12.03
N SER A 176 2.22 44.10 -12.32
CA SER A 176 1.28 44.84 -13.20
C SER A 176 -0.14 44.40 -12.89
N ALA A 177 -1.09 45.29 -13.16
CA ALA A 177 -2.53 44.99 -13.24
C ALA A 177 -3.07 45.71 -14.46
N VAL A 178 -4.14 45.17 -15.03
CA VAL A 178 -4.73 45.65 -16.30
C VAL A 178 -6.14 46.10 -15.97
N ALA A 179 -6.56 47.23 -16.53
CA ALA A 179 -7.94 47.75 -16.40
C ALA A 179 -8.44 48.09 -17.80
N TRP A 180 -9.72 47.81 -18.06
CA TRP A 180 -10.40 48.16 -19.33
C TRP A 180 -11.91 48.29 -19.08
N SER A 181 -12.62 48.94 -20.02
CA SER A 181 -14.09 49.20 -19.99
C SER A 181 -14.52 49.77 -21.35
N ASN A 182 -15.72 50.34 -21.45
CA ASN A 182 -16.22 51.07 -22.65
C ASN A 182 -17.37 51.99 -22.26
N PHE A 186 -14.38 56.42 -19.57
CA PHE A 186 -13.25 55.67 -18.95
C PHE A 186 -11.92 56.10 -19.58
N ALA A 187 -10.99 56.60 -18.75
CA ALA A 187 -9.61 56.97 -19.11
C ALA A 187 -8.66 56.37 -18.07
N CYS A 188 -7.37 56.27 -18.42
CA CYS A 188 -6.32 55.63 -17.58
C CYS A 188 -6.04 56.47 -16.34
N ALA A 189 -6.23 57.80 -16.42
CA ALA A 189 -6.14 58.73 -15.27
C ALA A 189 -7.03 58.26 -14.12
N ASN A 190 -8.19 57.66 -14.43
CA ASN A 190 -9.26 57.30 -13.45
C ASN A 190 -9.27 55.80 -13.11
N ALA A 191 -8.63 54.95 -13.93
CA ALA A 191 -8.83 53.49 -13.90
C ALA A 191 -8.63 52.92 -12.50
N PHE A 192 -7.55 53.32 -11.81
CA PHE A 192 -7.09 52.72 -10.53
C PHE A 192 -7.39 53.66 -9.35
N ASN A 193 -8.38 54.55 -9.49
CA ASN A 193 -8.83 55.51 -8.45
C ASN A 193 -9.22 54.78 -7.16
N ASN A 194 -9.85 53.60 -7.28
CA ASN A 194 -10.36 52.81 -6.12
C ASN A 194 -9.20 52.08 -5.42
N SER A 195 -7.97 52.18 -5.94
CA SER A 195 -6.75 51.58 -5.34
C SER A 195 -5.90 52.69 -4.72
N ILE A 196 -5.23 52.38 -3.60
CA ILE A 196 -4.21 53.27 -2.98
C ILE A 196 -2.91 53.05 -3.75
N ILE A 197 -2.58 53.97 -4.66
CA ILE A 197 -1.39 53.86 -5.56
C ILE A 197 -0.34 54.88 -5.11
N PRO A 198 0.97 54.58 -5.28
CA PRO A 198 2.03 55.53 -4.92
C PRO A 198 1.77 56.96 -5.42
N GLU A 199 2.22 57.95 -4.62
CA GLU A 199 2.02 59.40 -4.90
C GLU A 199 2.80 59.78 -6.16
N ASP A 200 3.98 59.20 -6.37
CA ASP A 200 4.92 59.53 -7.48
C ASP A 200 4.62 58.67 -8.74
N THR A 201 3.44 58.05 -8.83
CA THR A 201 3.04 57.23 -10.01
C THR A 201 3.04 58.10 -11.27
N PHE A 202 3.75 57.67 -12.31
CA PHE A 202 3.92 58.37 -13.61
C PHE A 202 2.67 58.16 -14.48
N PHE A 203 1.96 59.26 -14.80
CA PHE A 203 0.85 59.32 -15.80
C PHE A 203 1.31 60.15 -16.99
N PRO A 204 1.73 59.52 -18.12
CA PRO A 204 2.24 60.26 -19.26
C PRO A 204 1.16 61.01 -20.08
N SER A 205 1.59 61.75 -21.11
CA SER A 205 0.78 62.31 -22.24
C SER A 205 1.22 63.74 -22.53
N ALA B 3 11.53 7.70 -17.80
CA ALA B 3 10.30 6.85 -17.67
C ALA B 3 9.04 7.73 -17.78
N ALA B 4 8.57 8.03 -19.00
CA ALA B 4 7.55 9.05 -19.30
C ALA B 4 6.14 8.44 -19.36
N VAL B 5 5.13 9.22 -18.96
CA VAL B 5 3.69 8.84 -18.96
C VAL B 5 2.90 9.99 -19.59
N THR B 6 2.00 9.71 -20.53
CA THR B 6 1.20 10.74 -21.22
C THR B 6 -0.27 10.50 -20.95
N GLN B 7 -1.05 11.57 -20.97
CA GLN B 7 -2.51 11.52 -20.71
C GLN B 7 -3.18 12.29 -21.83
N SER B 8 -4.32 11.79 -22.30
CA SER B 8 -5.18 12.52 -23.26
C SER B 8 -6.64 12.25 -22.92
N PRO B 9 -7.52 13.27 -23.01
CA PRO B 9 -7.11 14.64 -23.31
C PRO B 9 -6.45 15.27 -22.07
N ARG B 10 -5.90 16.47 -22.21
CA ARG B 10 -5.26 17.22 -21.10
C ARG B 10 -6.32 18.06 -20.40
N ASN B 11 -7.43 18.30 -21.11
CA ASN B 11 -8.52 19.17 -20.64
C ASN B 11 -9.82 18.77 -21.35
N LYS B 12 -10.94 18.68 -20.65
CA LYS B 12 -12.22 18.23 -21.23
C LYS B 12 -13.36 18.93 -20.49
N VAL B 13 -14.27 19.54 -21.25
CA VAL B 13 -15.60 20.01 -20.78
C VAL B 13 -16.64 19.01 -21.29
N ALA B 14 -17.42 18.45 -20.37
CA ALA B 14 -18.45 17.42 -20.63
C ALA B 14 -19.78 17.85 -20.01
N VAL B 15 -20.86 17.22 -20.44
CA VAL B 15 -22.22 17.42 -19.84
C VAL B 15 -22.55 16.21 -18.96
N THR B 16 -23.31 16.43 -17.88
CA THR B 16 -23.98 15.39 -17.07
C THR B 16 -24.64 14.38 -18.01
N GLY B 17 -24.44 13.08 -17.78
CA GLY B 17 -25.08 11.99 -18.54
C GLY B 17 -24.23 11.53 -19.71
N GLY B 18 -23.25 12.33 -20.13
CA GLY B 18 -22.35 12.01 -21.25
C GLY B 18 -21.28 10.99 -20.86
N LYS B 19 -20.69 10.34 -21.86
CA LYS B 19 -19.59 9.37 -21.70
C LYS B 19 -18.27 10.13 -21.88
N VAL B 20 -17.36 9.97 -20.93
CA VAL B 20 -15.99 10.57 -20.96
C VAL B 20 -14.97 9.44 -20.76
N THR B 21 -13.98 9.36 -21.62
CA THR B 21 -12.86 8.40 -21.50
C THR B 21 -11.57 9.17 -21.30
N LEU B 22 -10.90 8.91 -20.17
CA LEU B 22 -9.57 9.49 -19.90
C LEU B 22 -8.54 8.40 -20.19
N SER B 23 -7.57 8.71 -21.04
CA SER B 23 -6.56 7.75 -21.54
C SER B 23 -5.18 8.08 -20.99
N CYS B 24 -4.46 7.03 -20.64
CA CYS B 24 -3.07 7.09 -20.17
C CYS B 24 -2.24 6.12 -20.99
N ASN B 25 -1.13 6.61 -21.53
CA ASN B 25 -0.18 5.82 -22.36
C ASN B 25 1.22 5.89 -21.73
N GLN B 26 1.90 4.75 -21.76
CA GLN B 26 3.17 4.50 -21.05
C GLN B 26 3.99 3.54 -21.94
N THR B 27 5.17 3.94 -22.39
CA THR B 27 6.06 3.13 -23.26
C THR B 27 7.23 2.56 -22.45
N ASN B 28 7.11 2.46 -21.13
CA ASN B 28 8.19 2.02 -20.22
C ASN B 28 8.16 0.49 -20.09
N ASN B 29 7.14 -0.15 -20.66
CA ASN B 29 6.83 -1.60 -20.48
C ASN B 29 6.58 -1.89 -18.99
N HIS B 30 5.96 -0.95 -18.27
CA HIS B 30 5.53 -1.12 -16.86
C HIS B 30 4.31 -2.03 -16.81
N ASN B 31 4.33 -3.05 -15.94
CA ASN B 31 3.14 -3.91 -15.71
C ASN B 31 2.03 -3.07 -15.08
N ASN B 32 2.37 -2.12 -14.20
CA ASN B 32 1.43 -1.57 -13.18
C ASN B 32 1.03 -0.14 -13.53
N MET B 33 -0.26 0.16 -13.55
CA MET B 33 -0.78 1.52 -13.84
C MET B 33 -1.91 1.87 -12.86
N TYR B 34 -2.05 3.16 -12.59
CA TYR B 34 -2.82 3.68 -11.44
C TYR B 34 -3.52 4.96 -11.89
N TRP B 35 -4.79 5.11 -11.51
CA TRP B 35 -5.60 6.33 -11.76
C TRP B 35 -5.97 6.96 -10.41
N TYR B 36 -5.73 8.26 -10.29
CA TYR B 36 -6.06 9.07 -9.09
C TYR B 36 -6.86 10.28 -9.52
N ARG B 37 -7.61 10.87 -8.58
CA ARG B 37 -8.15 12.23 -8.75
C ARG B 37 -7.67 13.09 -7.59
N GLN B 38 -7.45 14.37 -7.89
CA GLN B 38 -6.96 15.38 -6.94
C GLN B 38 -8.04 16.46 -6.83
N ASP B 39 -8.58 16.63 -5.63
CA ASP B 39 -9.60 17.66 -5.29
C ASP B 39 -9.08 18.48 -4.12
N THR B 40 -9.32 19.78 -4.15
CA THR B 40 -8.91 20.76 -3.11
C THR B 40 -9.34 20.21 -1.74
N GLY B 41 -8.45 20.28 -0.76
CA GLY B 41 -8.70 19.79 0.61
C GLY B 41 -8.36 18.31 0.78
N HIS B 42 -8.04 17.60 -0.30
CA HIS B 42 -7.68 16.16 -0.23
C HIS B 42 -6.32 15.94 -0.89
N GLY B 43 -5.62 14.89 -0.45
CA GLY B 43 -4.51 14.32 -1.22
C GLY B 43 -5.06 13.61 -2.44
N LEU B 44 -4.21 13.23 -3.40
CA LEU B 44 -4.64 12.34 -4.50
C LEU B 44 -5.29 11.10 -3.91
N ARG B 45 -6.38 10.62 -4.52
CA ARG B 45 -7.12 9.42 -4.07
C ARG B 45 -7.18 8.42 -5.23
N LEU B 46 -6.83 7.17 -4.93
CA LEU B 46 -6.76 6.06 -5.90
C LEU B 46 -8.18 5.60 -6.28
N ILE B 47 -8.49 5.61 -7.58
CA ILE B 47 -9.80 5.22 -8.16
C ILE B 47 -9.74 3.74 -8.58
N HIS B 48 -8.85 3.42 -9.53
CA HIS B 48 -8.63 2.08 -10.09
C HIS B 48 -7.15 1.91 -10.36
N TYR B 49 -6.68 0.67 -10.39
CA TYR B 49 -5.31 0.32 -10.80
C TYR B 49 -5.35 -0.99 -11.58
N SER B 50 -4.20 -1.40 -12.10
CA SER B 50 -4.11 -2.56 -13.02
C SER B 50 -2.71 -3.12 -12.91
N TYR B 51 -2.60 -4.44 -12.79
CA TYR B 51 -1.31 -5.17 -12.72
C TYR B 51 -0.89 -5.71 -14.10
N GLY B 52 -1.69 -5.47 -15.14
CA GLY B 52 -1.33 -5.85 -16.53
C GLY B 52 -2.54 -5.91 -17.42
N ALA B 53 -2.32 -6.08 -18.74
CA ALA B 53 -3.39 -6.17 -19.76
C ALA B 53 -4.51 -7.08 -19.22
N GLY B 54 -5.77 -6.65 -19.32
CA GLY B 54 -6.92 -7.44 -18.85
C GLY B 54 -7.15 -7.37 -17.34
N SER B 55 -6.23 -6.82 -16.54
CA SER B 55 -6.40 -6.66 -15.06
C SER B 55 -6.93 -5.25 -14.82
N THR B 56 -8.01 -5.13 -14.05
CA THR B 56 -8.42 -3.86 -13.42
C THR B 56 -8.81 -4.19 -11.99
N GLU B 57 -8.40 -3.34 -11.06
CA GLU B 57 -8.69 -3.50 -9.62
C GLU B 57 -9.28 -2.20 -9.10
N LYS B 58 -10.29 -2.30 -8.24
CA LYS B 58 -10.92 -1.14 -7.59
C LYS B 58 -9.93 -0.55 -6.59
N GLY B 59 -9.77 0.77 -6.60
CA GLY B 59 -8.96 1.52 -5.62
C GLY B 59 -9.79 1.90 -4.40
N ASP B 60 -9.58 3.09 -3.84
CA ASP B 60 -10.31 3.58 -2.65
C ASP B 60 -11.67 4.15 -3.05
N ILE B 61 -11.77 4.81 -4.22
CA ILE B 61 -13.01 5.53 -4.64
C ILE B 61 -13.38 5.16 -6.06
N PRO B 62 -13.70 3.87 -6.32
CA PRO B 62 -14.03 3.41 -7.67
C PRO B 62 -15.43 3.78 -8.20
N ASP B 63 -16.38 4.14 -7.32
CA ASP B 63 -17.81 4.35 -7.68
C ASP B 63 -17.94 5.43 -8.78
N GLY B 64 -18.60 5.10 -9.88
CA GLY B 64 -18.89 6.03 -10.99
C GLY B 64 -17.84 5.96 -12.08
N TYR B 65 -16.84 5.10 -11.93
CA TYR B 65 -15.73 4.92 -12.90
C TYR B 65 -15.61 3.43 -13.26
N LYS B 66 -15.36 3.16 -14.54
CA LYS B 66 -14.89 1.85 -15.03
C LYS B 66 -13.46 2.02 -15.50
N ALA B 67 -12.61 1.03 -15.25
CA ALA B 67 -11.21 1.01 -15.74
C ALA B 67 -11.13 0.02 -16.90
N SER B 68 -10.19 0.21 -17.80
CA SER B 68 -9.91 -0.67 -18.95
C SER B 68 -8.40 -0.70 -19.19
N ARG B 69 -7.82 -1.89 -19.21
CA ARG B 69 -6.39 -2.09 -19.56
C ARG B 69 -6.33 -2.99 -20.78
N PRO B 70 -6.58 -2.48 -22.02
CA PRO B 70 -6.58 -3.32 -23.21
C PRO B 70 -5.17 -3.80 -23.59
N SER B 71 -4.13 -3.10 -23.16
CA SER B 71 -2.73 -3.41 -23.51
C SER B 71 -1.82 -3.02 -22.35
N GLN B 72 -0.54 -3.43 -22.42
CA GLN B 72 0.52 -3.03 -21.47
C GLN B 72 0.64 -1.52 -21.48
N GLU B 73 0.48 -0.90 -22.67
CA GLU B 73 0.73 0.54 -22.91
C GLU B 73 -0.41 1.46 -22.41
N ASN B 74 -1.66 1.01 -22.47
N ASN B 74 -1.67 1.03 -22.55
CA ASN B 74 -2.84 1.91 -22.35
CA ASN B 74 -2.86 1.90 -22.35
C ASN B 74 -3.70 1.49 -21.15
C ASN B 74 -3.64 1.48 -21.10
N PHE B 75 -4.05 2.47 -20.30
CA PHE B 75 -4.95 2.31 -19.14
C PHE B 75 -5.95 3.44 -19.18
N SER B 76 -7.23 3.12 -19.34
CA SER B 76 -8.32 4.10 -19.58
C SER B 76 -9.26 4.12 -18.38
N LEU B 77 -9.71 5.33 -18.05
CA LEU B 77 -10.75 5.58 -17.03
C LEU B 77 -12.00 5.99 -17.79
N ILE B 78 -13.09 5.24 -17.63
CA ILE B 78 -14.35 5.49 -18.37
C ILE B 78 -15.40 5.98 -17.38
N LEU B 79 -15.92 7.18 -17.64
CA LEU B 79 -17.08 7.77 -16.93
C LEU B 79 -18.30 7.54 -17.84
N GLU B 80 -19.06 6.50 -17.57
CA GLU B 80 -20.18 6.02 -18.44
C GLU B 80 -21.30 7.07 -18.38
N LEU B 81 -21.61 7.58 -17.19
CA LEU B 81 -22.64 8.63 -16.94
C LEU B 81 -22.01 9.77 -16.11
N ALA B 82 -21.32 10.70 -16.77
CA ALA B 82 -20.55 11.77 -16.10
C ALA B 82 -21.49 12.53 -15.15
N THR B 83 -20.99 12.93 -13.97
CA THR B 83 -21.72 13.80 -13.01
C THR B 83 -20.82 14.97 -12.60
N PRO B 84 -21.41 16.13 -12.21
CA PRO B 84 -20.64 17.24 -11.69
C PRO B 84 -19.63 16.91 -10.58
N SER B 85 -19.90 15.89 -9.76
CA SER B 85 -18.99 15.44 -8.66
C SER B 85 -17.68 14.89 -9.25
N GLN B 86 -17.63 14.60 -10.55
CA GLN B 86 -16.41 14.05 -11.22
C GLN B 86 -15.57 15.18 -11.83
N THR B 87 -15.99 16.43 -11.67
CA THR B 87 -15.13 17.61 -11.94
C THR B 87 -13.91 17.45 -11.04
N SER B 88 -12.71 17.35 -11.61
CA SER B 88 -11.46 17.07 -10.85
C SER B 88 -10.25 17.19 -11.76
N VAL B 89 -9.06 17.00 -11.20
CA VAL B 89 -7.81 16.77 -11.96
C VAL B 89 -7.48 15.28 -11.75
N TYR B 90 -7.32 14.56 -12.86
CA TYR B 90 -7.09 13.10 -12.87
C TYR B 90 -5.62 12.89 -13.21
N PHE B 91 -4.94 12.09 -12.40
CA PHE B 91 -3.51 11.73 -12.59
C PHE B 91 -3.41 10.22 -12.80
N CYS B 92 -2.70 9.84 -13.86
CA CYS B 92 -2.32 8.45 -14.15
C CYS B 92 -0.87 8.27 -13.71
N ALA B 93 -0.49 7.09 -13.28
CA ALA B 93 0.92 6.75 -13.01
C ALA B 93 1.17 5.32 -13.46
N SER B 94 2.44 5.00 -13.70
CA SER B 94 2.91 3.63 -14.02
C SER B 94 4.10 3.27 -13.13
N GLY B 95 4.39 1.97 -13.03
CA GLY B 95 5.53 1.46 -12.27
C GLY B 95 5.83 0.00 -12.58
N ASP B 96 7.04 -0.43 -12.29
CA ASP B 96 7.43 -1.85 -12.38
C ASP B 96 7.25 -2.44 -10.97
N GLU B 97 8.00 -3.48 -10.63
CA GLU B 97 7.90 -4.17 -9.31
C GLU B 97 8.34 -3.23 -8.17
N GLY B 98 9.13 -2.19 -8.46
CA GLY B 98 9.59 -1.19 -7.45
C GLY B 98 8.45 -0.33 -6.95
N TYR B 99 8.64 0.40 -5.84
CA TYR B 99 7.57 1.22 -5.23
C TYR B 99 7.31 2.51 -6.03
N THR B 100 8.24 2.96 -6.87
CA THR B 100 8.12 4.29 -7.53
C THR B 100 6.92 4.27 -8.47
N GLN B 101 6.02 5.26 -8.34
CA GLN B 101 4.97 5.55 -9.33
C GLN B 101 5.42 6.78 -10.10
N TYR B 102 5.46 6.68 -11.42
CA TYR B 102 5.81 7.78 -12.36
C TYR B 102 4.50 8.40 -12.87
N PHE B 103 4.23 9.64 -12.47
CA PHE B 103 2.94 10.34 -12.71
C PHE B 103 2.94 11.02 -14.07
N GLY B 104 1.81 10.94 -14.77
CA GLY B 104 1.52 11.79 -15.94
C GLY B 104 1.24 13.22 -15.51
N PRO B 105 1.01 14.13 -16.49
CA PRO B 105 0.87 15.56 -16.22
C PRO B 105 -0.51 16.03 -15.76
N GLY B 106 -1.48 15.14 -15.71
CA GLY B 106 -2.83 15.46 -15.22
C GLY B 106 -3.80 15.81 -16.33
N THR B 107 -5.09 15.54 -16.10
CA THR B 107 -6.22 15.89 -16.98
C THR B 107 -7.22 16.70 -16.17
N ARG B 108 -7.60 17.88 -16.65
CA ARG B 108 -8.64 18.71 -16.01
C ARG B 108 -9.98 18.38 -16.65
N LEU B 109 -10.92 17.86 -15.86
CA LEU B 109 -12.30 17.55 -16.31
C LEU B 109 -13.27 18.47 -15.56
N LEU B 110 -14.12 19.16 -16.30
CA LEU B 110 -15.31 19.88 -15.80
C LEU B 110 -16.55 19.23 -16.41
N VAL B 111 -17.48 18.77 -15.55
CA VAL B 111 -18.81 18.27 -15.97
C VAL B 111 -19.85 19.35 -15.63
N LEU B 112 -20.41 19.98 -16.67
CA LEU B 112 -21.48 21.02 -16.55
C LEU B 112 -22.84 20.31 -16.51
N GLU B 113 -23.82 20.92 -15.84
CA GLU B 113 -25.22 20.43 -15.86
C GLU B 113 -25.75 20.52 -17.28
N ASP B 114 -25.28 21.52 -18.04
CA ASP B 114 -25.87 21.93 -19.33
C ASP B 114 -24.79 22.65 -20.17
N LEU B 115 -24.83 22.51 -21.49
CA LEU B 115 -23.81 23.10 -22.40
C LEU B 115 -24.30 24.43 -22.99
N ARG B 116 -25.48 24.92 -22.59
CA ARG B 116 -26.20 26.00 -23.34
C ARG B 116 -25.38 27.29 -23.35
N ASN B 117 -24.55 27.55 -22.34
CA ASN B 117 -23.83 28.85 -22.16
C ASN B 117 -22.40 28.79 -22.70
N VAL B 118 -21.96 27.64 -23.21
CA VAL B 118 -20.56 27.43 -23.66
C VAL B 118 -20.28 28.38 -24.84
N THR B 119 -19.22 29.17 -24.74
CA THR B 119 -18.89 30.26 -25.69
C THR B 119 -17.38 30.41 -25.78
N PRO B 120 -16.78 30.43 -26.98
CA PRO B 120 -15.34 30.64 -27.10
C PRO B 120 -14.94 32.07 -26.84
N PRO B 121 -13.65 32.35 -26.56
CA PRO B 121 -13.20 33.72 -26.33
C PRO B 121 -13.09 34.57 -27.60
N LYS B 122 -13.21 35.89 -27.44
CA LYS B 122 -12.62 36.90 -28.34
C LYS B 122 -11.21 37.15 -27.82
N VAL B 123 -10.23 37.28 -28.69
CA VAL B 123 -8.84 37.59 -28.26
C VAL B 123 -8.39 38.88 -28.92
N SER B 124 -7.86 39.79 -28.12
CA SER B 124 -7.31 41.09 -28.56
C SER B 124 -5.88 41.23 -28.03
N LEU B 125 -4.96 41.70 -28.88
CA LEU B 125 -3.56 41.98 -28.51
C LEU B 125 -3.38 43.50 -28.45
N PHE B 126 -2.94 44.02 -27.30
CA PHE B 126 -2.69 45.45 -27.07
C PHE B 126 -1.19 45.70 -27.16
N GLU B 127 -0.80 46.61 -28.05
CA GLU B 127 0.62 46.90 -28.37
C GLU B 127 1.19 47.85 -27.32
N PRO B 128 2.52 47.79 -27.07
CA PRO B 128 3.17 48.60 -26.06
C PRO B 128 3.01 50.12 -26.25
N SER B 129 2.85 50.84 -25.14
CA SER B 129 2.84 52.32 -25.06
C SER B 129 4.23 52.87 -25.41
N LYS B 130 4.29 53.81 -26.37
CA LYS B 130 5.51 54.60 -26.69
C LYS B 130 6.04 55.25 -25.41
N ALA B 131 5.16 55.58 -24.46
CA ALA B 131 5.53 56.21 -23.16
C ALA B 131 6.29 55.22 -22.28
N GLU B 132 5.82 53.97 -22.18
CA GLU B 132 6.55 52.92 -21.43
C GLU B 132 7.95 52.78 -22.02
N ILE B 133 8.04 52.74 -23.35
CA ILE B 133 9.31 52.49 -24.08
C ILE B 133 10.31 53.62 -23.74
N SER B 134 9.89 54.89 -23.83
CA SER B 134 10.79 56.05 -23.53
C SER B 134 11.10 56.09 -22.03
N HIS B 135 10.16 55.70 -21.15
CA HIS B 135 10.36 55.77 -19.68
C HIS B 135 11.25 54.62 -19.18
N THR B 136 11.16 53.42 -19.76
CA THR B 136 11.74 52.18 -19.16
C THR B 136 12.71 51.45 -20.10
N GLN B 137 12.74 51.76 -21.40
CA GLN B 137 13.39 50.95 -22.46
C GLN B 137 12.84 49.50 -22.44
N LYS B 138 11.60 49.32 -21.99
CA LYS B 138 10.88 48.03 -22.00
C LYS B 138 9.54 48.24 -22.69
N ALA B 139 8.95 47.15 -23.19
CA ALA B 139 7.72 47.13 -24.00
C ALA B 139 6.81 46.00 -23.48
N THR B 140 5.68 46.35 -22.90
CA THR B 140 4.67 45.37 -22.40
C THR B 140 3.55 45.25 -23.43
N LEU B 141 3.35 44.04 -23.95
CA LEU B 141 2.16 43.63 -24.74
C LEU B 141 1.12 43.08 -23.76
N VAL B 142 -0.14 43.38 -23.97
CA VAL B 142 -1.25 42.78 -23.18
C VAL B 142 -2.16 42.03 -24.13
N CYS B 143 -2.52 40.82 -23.71
CA CYS B 143 -3.51 39.95 -24.36
C CYS B 143 -4.76 39.88 -23.47
N LEU B 144 -5.92 39.97 -24.11
CA LEU B 144 -7.23 39.98 -23.44
C LEU B 144 -8.09 38.93 -24.13
N ALA B 145 -8.51 37.89 -23.41
CA ALA B 145 -9.53 36.92 -23.84
C ALA B 145 -10.81 37.29 -23.10
N THR B 146 -11.92 37.46 -23.83
CA THR B 146 -13.20 37.97 -23.29
C THR B 146 -14.36 37.12 -23.82
N GLY B 147 -15.44 37.06 -23.03
CA GLY B 147 -16.75 36.54 -23.45
C GLY B 147 -16.81 35.02 -23.43
N PHE B 148 -15.88 34.33 -22.76
CA PHE B 148 -15.78 32.86 -22.84
C PHE B 148 -16.45 32.19 -21.63
N TYR B 149 -16.98 30.98 -21.85
CA TYR B 149 -17.55 30.10 -20.80
C TYR B 149 -17.45 28.64 -21.26
N PRO B 150 -17.09 27.68 -20.38
CA PRO B 150 -16.65 27.97 -19.02
C PRO B 150 -15.20 28.52 -19.01
N ASP B 151 -14.49 28.36 -17.89
CA ASP B 151 -13.17 29.01 -17.68
C ASP B 151 -12.01 28.10 -18.10
N HIS B 152 -12.22 27.06 -18.93
CA HIS B 152 -11.15 26.09 -19.33
C HIS B 152 -10.45 26.63 -20.57
N VAL B 153 -9.50 27.54 -20.35
CA VAL B 153 -8.63 28.13 -21.42
C VAL B 153 -7.17 27.96 -21.04
N GLU B 154 -6.28 27.85 -22.03
CA GLU B 154 -4.81 27.92 -21.82
C GLU B 154 -4.32 29.04 -22.74
N LEU B 155 -3.77 30.08 -22.12
CA LEU B 155 -3.24 31.26 -22.85
C LEU B 155 -1.73 31.08 -22.97
N SER B 156 -1.19 31.23 -24.18
CA SER B 156 0.26 31.08 -24.42
C SER B 156 0.75 32.17 -25.37
N TRP B 157 2.02 32.55 -25.24
CA TRP B 157 2.69 33.59 -26.06
C TRP B 157 3.68 32.92 -27.01
N TRP B 158 3.67 33.36 -28.26
CA TRP B 158 4.53 32.82 -29.36
C TRP B 158 5.23 33.99 -30.03
N VAL B 159 6.55 33.90 -30.14
CA VAL B 159 7.40 34.83 -30.92
C VAL B 159 8.03 34.02 -32.06
N ASN B 160 7.73 34.37 -33.29
CA ASN B 160 8.32 33.74 -34.50
C ASN B 160 8.05 32.22 -34.46
N GLY B 161 6.82 31.84 -34.08
CA GLY B 161 6.37 30.44 -34.12
C GLY B 161 6.91 29.59 -32.98
N LYS B 162 7.55 30.20 -31.97
CA LYS B 162 8.08 29.46 -30.80
C LYS B 162 7.52 30.06 -29.50
N GLU B 163 7.03 29.19 -28.61
CA GLU B 163 6.39 29.60 -27.34
C GLU B 163 7.44 30.27 -26.45
N VAL B 164 7.08 31.38 -25.80
CA VAL B 164 7.96 32.11 -24.84
C VAL B 164 7.30 32.03 -23.45
N HIS B 165 8.12 31.98 -22.41
CA HIS B 165 7.70 31.97 -20.98
C HIS B 165 8.34 33.15 -20.24
N SER B 166 9.58 33.50 -20.57
CA SER B 166 10.31 34.61 -19.93
C SER B 166 9.54 35.91 -20.16
N GLY B 167 9.34 36.69 -19.09
CA GLY B 167 8.70 38.01 -19.12
C GLY B 167 7.19 37.90 -19.30
N VAL B 168 6.62 36.71 -19.07
CA VAL B 168 5.16 36.48 -19.20
C VAL B 168 4.57 36.44 -17.79
N CYS B 169 3.37 36.96 -17.59
CA CYS B 169 2.51 36.45 -16.51
C CYS B 169 1.03 36.63 -16.87
N THR B 170 0.26 35.58 -16.60
CA THR B 170 -1.17 35.46 -16.92
C THR B 170 -1.95 35.48 -15.61
N ASP B 171 -3.08 36.18 -15.56
CA ASP B 171 -3.92 36.24 -14.33
C ASP B 171 -4.09 34.81 -13.82
N PRO B 172 -3.94 34.55 -12.50
CA PRO B 172 -4.04 33.19 -11.98
C PRO B 172 -5.46 32.60 -12.17
N GLN B 173 -6.50 33.44 -12.29
CA GLN B 173 -7.86 32.94 -12.64
C GLN B 173 -8.62 33.98 -13.46
N PRO B 174 -9.49 33.54 -14.39
CA PRO B 174 -10.34 34.46 -15.14
C PRO B 174 -11.24 35.25 -14.19
N LEU B 175 -11.58 36.50 -14.52
CA LEU B 175 -12.60 37.28 -13.78
C LEU B 175 -13.95 37.16 -14.50
N LYS B 176 -15.04 37.31 -13.74
CA LYS B 176 -16.43 37.21 -14.24
C LYS B 176 -16.87 38.55 -14.83
N GLU B 177 -17.46 38.55 -16.03
CA GLU B 177 -17.86 39.79 -16.73
C GLU B 177 -19.14 40.34 -16.11
N GLN B 178 -20.03 39.46 -15.65
CA GLN B 178 -21.29 39.79 -14.94
C GLN B 178 -21.37 38.94 -13.68
N PRO B 179 -20.69 39.33 -12.57
CA PRO B 179 -20.67 38.51 -11.35
C PRO B 179 -22.06 38.32 -10.72
N ALA B 180 -23.04 39.15 -11.08
CA ALA B 180 -24.47 39.03 -10.68
C ALA B 180 -25.10 37.78 -11.30
N LEU B 181 -24.69 37.38 -12.51
CA LEU B 181 -25.38 36.33 -13.33
C LEU B 181 -24.85 34.93 -12.96
N ASN B 182 -25.71 33.91 -13.15
CA ASN B 182 -25.50 32.50 -12.74
C ASN B 182 -24.34 31.90 -13.53
N ASP B 183 -24.35 32.04 -14.86
CA ASP B 183 -23.34 31.45 -15.77
C ASP B 183 -22.61 32.59 -16.45
N SER B 184 -21.99 33.46 -15.66
CA SER B 184 -21.23 34.64 -16.12
C SER B 184 -20.17 34.18 -17.12
N ARG B 185 -19.98 34.93 -18.19
CA ARG B 185 -18.84 34.77 -19.11
C ARG B 185 -17.58 35.27 -18.37
N TYR B 186 -16.40 34.87 -18.83
CA TYR B 186 -15.11 35.24 -18.20
C TYR B 186 -14.27 36.09 -19.13
N SER B 187 -13.36 36.85 -18.51
CA SER B 187 -12.23 37.54 -19.16
C SER B 187 -10.93 37.07 -18.51
N LEU B 188 -9.85 37.03 -19.27
CA LEU B 188 -8.50 36.69 -18.79
C LEU B 188 -7.50 37.61 -19.50
N SER B 189 -6.54 38.13 -18.75
CA SER B 189 -5.47 38.99 -19.29
C SER B 189 -4.11 38.35 -19.05
N SER B 190 -3.17 38.70 -19.91
CA SER B 190 -1.77 38.26 -19.81
C SER B 190 -0.88 39.42 -20.27
N ARG B 191 0.34 39.47 -19.74
CA ARG B 191 1.37 40.42 -20.22
C ARG B 191 2.56 39.62 -20.74
N LEU B 192 3.14 40.09 -21.84
CA LEU B 192 4.50 39.73 -22.29
C LEU B 192 5.33 41.01 -22.28
N ARG B 193 6.39 41.04 -21.49
CA ARG B 193 7.30 42.21 -21.42
C ARG B 193 8.64 41.82 -22.05
N VAL B 194 9.05 42.57 -23.06
CA VAL B 194 10.32 42.42 -23.80
C VAL B 194 11.07 43.76 -23.73
N SER B 195 12.36 43.77 -24.09
CA SER B 195 13.17 45.00 -24.25
C SER B 195 12.58 45.82 -25.40
N ALA B 196 12.66 47.15 -25.35
CA ALA B 196 12.19 48.06 -26.41
C ALA B 196 12.78 47.62 -27.77
N THR B 197 14.07 47.32 -27.83
CA THR B 197 14.77 46.96 -29.09
C THR B 197 14.14 45.67 -29.67
N PHE B 198 13.68 44.74 -28.82
CA PHE B 198 13.06 43.47 -29.27
C PHE B 198 11.69 43.77 -29.90
N TRP B 199 10.87 44.58 -29.23
CA TRP B 199 9.55 45.03 -29.78
C TRP B 199 9.76 45.87 -31.05
N GLN B 200 10.85 46.62 -31.13
CA GLN B 200 11.08 47.59 -32.24
C GLN B 200 11.55 46.87 -33.51
N ASN B 201 11.91 45.59 -33.41
CA ASN B 201 12.47 44.79 -34.54
C ASN B 201 11.32 44.26 -35.37
N PRO B 202 11.13 44.75 -36.62
CA PRO B 202 9.97 44.35 -37.42
C PRO B 202 10.02 42.91 -37.98
N ARG B 203 11.07 42.15 -37.70
CA ARG B 203 11.17 40.71 -38.05
C ARG B 203 10.61 39.86 -36.90
N ASN B 204 10.20 40.49 -35.79
CA ASN B 204 9.59 39.79 -34.63
C ASN B 204 8.07 39.78 -34.78
N HIS B 205 7.52 38.58 -34.97
CA HIS B 205 6.06 38.32 -35.03
C HIS B 205 5.57 37.82 -33.67
N PHE B 206 4.70 38.57 -33.02
CA PHE B 206 4.13 38.29 -31.68
C PHE B 206 2.73 37.74 -31.84
N ARG B 207 2.42 36.68 -31.11
CA ARG B 207 1.08 36.07 -31.12
C ARG B 207 0.70 35.65 -29.71
N CYS B 208 -0.50 36.04 -29.31
CA CYS B 208 -1.20 35.58 -28.10
C CYS B 208 -2.20 34.53 -28.55
N GLN B 209 -2.10 33.31 -28.03
CA GLN B 209 -2.96 32.17 -28.41
C GLN B 209 -3.80 31.77 -27.19
N VAL B 210 -5.12 31.62 -27.37
CA VAL B 210 -5.98 30.98 -26.34
C VAL B 210 -6.55 29.69 -26.90
N GLN B 211 -6.13 28.58 -26.32
CA GLN B 211 -6.76 27.25 -26.53
C GLN B 211 -8.00 27.22 -25.62
N PHE B 212 -9.17 27.11 -26.23
CA PHE B 212 -10.47 27.00 -25.53
C PHE B 212 -10.93 25.55 -25.58
N TYR B 213 -11.42 25.03 -24.46
CA TYR B 213 -11.99 23.67 -24.34
C TYR B 213 -13.51 23.85 -24.27
N GLY B 214 -14.19 23.27 -25.26
CA GLY B 214 -15.65 23.40 -25.41
C GLY B 214 -16.25 22.09 -25.85
N LEU B 215 -17.16 22.14 -26.81
CA LEU B 215 -17.90 20.94 -27.28
C LEU B 215 -16.99 20.12 -28.20
N SER B 216 -17.21 18.81 -28.23
CA SER B 216 -16.67 17.89 -29.25
C SER B 216 -17.56 18.00 -30.49
N GLU B 217 -17.04 17.58 -31.65
CA GLU B 217 -17.76 17.54 -32.95
C GLU B 217 -19.03 16.70 -32.80
N ASN B 218 -19.06 15.78 -31.82
CA ASN B 218 -20.15 14.79 -31.61
C ASN B 218 -21.12 15.22 -30.49
N ASP B 219 -20.89 16.36 -29.83
CA ASP B 219 -21.86 16.94 -28.86
C ASP B 219 -23.01 17.55 -29.67
N GLU B 220 -24.26 17.32 -29.26
CA GLU B 220 -25.44 17.86 -29.99
C GLU B 220 -25.53 19.36 -29.73
N TRP B 221 -25.92 20.14 -30.73
CA TRP B 221 -26.09 21.62 -30.64
C TRP B 221 -27.42 22.02 -31.28
N THR B 222 -28.30 22.68 -30.53
CA THR B 222 -29.69 22.98 -30.93
C THR B 222 -29.89 24.48 -31.15
N GLN B 223 -28.99 25.32 -30.63
CA GLN B 223 -29.06 26.79 -30.75
C GLN B 223 -28.64 27.22 -32.15
N ASP B 224 -29.03 28.44 -32.53
CA ASP B 224 -28.78 29.05 -33.86
C ASP B 224 -27.28 29.34 -33.99
N ARG B 225 -26.65 29.95 -32.98
CA ARG B 225 -25.23 30.42 -33.04
C ARG B 225 -24.28 29.26 -33.36
N ALA B 226 -23.07 29.57 -33.81
CA ALA B 226 -22.02 28.58 -34.15
C ALA B 226 -21.81 27.66 -32.94
N LYS B 227 -21.63 26.37 -33.21
CA LYS B 227 -21.35 25.34 -32.17
C LYS B 227 -20.02 25.69 -31.49
N PRO B 228 -20.02 25.98 -30.17
CA PRO B 228 -18.80 26.42 -29.47
C PRO B 228 -17.84 25.26 -29.17
N VAL B 229 -17.22 24.72 -30.23
CA VAL B 229 -16.29 23.56 -30.16
C VAL B 229 -14.96 24.01 -29.56
N THR B 230 -14.21 23.06 -29.00
CA THR B 230 -12.77 23.19 -28.66
C THR B 230 -12.08 23.84 -29.86
N GLN B 231 -11.28 24.87 -29.62
CA GLN B 231 -10.67 25.68 -30.71
C GLN B 231 -9.62 26.63 -30.13
N ILE B 232 -8.73 27.06 -31.02
CA ILE B 232 -7.73 28.13 -30.75
C ILE B 232 -8.29 29.44 -31.32
N VAL B 233 -8.20 30.50 -30.53
CA VAL B 233 -8.39 31.90 -30.99
C VAL B 233 -7.11 32.65 -30.64
N SER B 234 -6.59 33.46 -31.57
CA SER B 234 -5.31 34.18 -31.36
C SER B 234 -5.38 35.59 -31.93
N ALA B 235 -4.44 36.42 -31.51
CA ALA B 235 -4.26 37.82 -31.97
C ALA B 235 -2.75 38.00 -32.13
N GLU B 236 -2.34 38.74 -33.16
CA GLU B 236 -0.91 38.87 -33.51
C GLU B 236 -0.62 40.32 -33.88
N ALA B 237 0.66 40.68 -33.82
CA ALA B 237 1.21 41.98 -34.27
C ALA B 237 2.69 41.78 -34.54
N TRP B 238 3.25 42.55 -35.48
CA TRP B 238 4.71 42.58 -35.75
C TRP B 238 5.33 43.71 -34.95
N GLY B 239 6.58 43.54 -34.52
CA GLY B 239 7.41 44.64 -34.02
C GLY B 239 7.51 45.77 -35.05
N ARG B 240 7.97 46.95 -34.63
CA ARG B 240 8.09 48.20 -35.45
C ARG B 240 8.89 49.24 -34.67
N ALA B 241 9.59 50.14 -35.39
CA ALA B 241 10.47 51.21 -34.85
C ALA B 241 9.69 52.11 -33.87
N LYS C 6 21.93 -32.01 23.60
CA LYS C 6 21.61 -32.37 22.18
C LYS C 6 21.25 -31.11 21.39
N ASN C 7 20.94 -31.26 20.10
CA ASN C 7 20.55 -30.16 19.17
C ASN C 7 19.05 -29.94 19.32
N TYR C 8 18.62 -28.67 19.32
CA TYR C 8 17.20 -28.24 19.39
C TYR C 8 16.89 -27.39 18.16
N THR C 9 15.76 -27.70 17.52
CA THR C 9 15.20 -26.88 16.42
C THR C 9 14.06 -26.02 16.98
N PHE C 10 14.21 -24.73 16.78
CA PHE C 10 13.19 -23.70 17.03
C PHE C 10 12.41 -23.50 15.74
N ARG C 11 11.09 -23.73 15.80
CA ARG C 11 10.18 -23.73 14.64
C ARG C 11 9.02 -22.78 14.92
N CYS C 12 8.93 -21.71 14.13
CA CYS C 12 7.78 -20.79 14.01
C CYS C 12 6.94 -21.26 12.83
N LEU C 13 5.70 -21.71 13.11
CA LEU C 13 4.79 -22.28 12.09
C LEU C 13 3.60 -21.32 11.93
N GLN C 14 3.49 -20.73 10.74
CA GLN C 14 2.38 -19.85 10.32
C GLN C 14 1.50 -20.61 9.32
N MET C 15 0.20 -20.62 9.57
CA MET C 15 -0.84 -21.17 8.68
C MET C 15 -1.78 -20.01 8.35
N SER C 16 -1.88 -19.66 7.08
CA SER C 16 -2.76 -18.58 6.59
C SER C 16 -3.75 -19.17 5.58
N SER C 17 -5.05 -19.05 5.87
N SER C 17 -5.04 -18.97 5.84
CA SER C 17 -6.17 -19.45 4.97
CA SER C 17 -6.18 -19.43 5.00
C SER C 17 -6.77 -18.19 4.34
C SER C 17 -6.85 -18.22 4.35
N PHE C 18 -6.93 -18.19 3.02
CA PHE C 18 -7.62 -17.13 2.23
C PHE C 18 -8.79 -17.77 1.48
N ALA C 19 -10.02 -17.61 1.97
CA ALA C 19 -11.22 -18.30 1.42
C ALA C 19 -11.67 -17.61 0.11
N ASN C 20 -11.54 -16.29 0.05
CA ASN C 20 -11.97 -15.43 -1.09
C ASN C 20 -11.33 -14.06 -0.88
N ARG C 21 -11.69 -13.07 -1.71
CA ARG C 21 -11.08 -11.72 -1.72
C ARG C 21 -11.17 -11.05 -0.34
N SER C 22 -12.17 -11.38 0.48
CA SER C 22 -12.49 -10.63 1.74
C SER C 22 -12.05 -11.40 3.00
N TRP C 23 -12.26 -12.71 3.06
CA TRP C 23 -12.09 -13.55 4.29
C TRP C 23 -10.69 -14.16 4.38
N SER C 24 -10.01 -13.95 5.50
CA SER C 24 -8.75 -14.68 5.75
C SER C 24 -8.48 -14.78 7.25
N ARG C 25 -7.64 -15.74 7.64
CA ARG C 25 -7.12 -15.85 9.01
C ARG C 25 -5.68 -16.37 8.95
N THR C 26 -4.86 -15.91 9.90
CA THR C 26 -3.47 -16.35 10.11
C THR C 26 -3.34 -16.81 11.56
N ASP C 27 -2.86 -18.04 11.75
CA ASP C 27 -2.62 -18.65 13.08
C ASP C 27 -1.17 -19.12 13.13
N SER C 28 -0.49 -18.89 14.25
CA SER C 28 0.92 -19.30 14.45
C SER C 28 1.09 -20.09 15.75
N VAL C 29 1.98 -21.09 15.71
CA VAL C 29 2.46 -21.84 16.89
C VAL C 29 3.99 -21.86 16.83
N VAL C 30 4.65 -21.86 17.98
CA VAL C 30 6.13 -21.88 18.08
C VAL C 30 6.51 -23.07 18.95
N TRP C 31 7.47 -23.87 18.47
CA TRP C 31 8.01 -25.10 19.09
C TRP C 31 9.51 -24.92 19.35
N LEU C 32 9.95 -25.33 20.54
CA LEU C 32 11.38 -25.58 20.83
C LEU C 32 11.52 -27.08 21.07
N GLY C 33 12.17 -27.80 20.14
CA GLY C 33 12.06 -29.26 20.03
C GLY C 33 10.59 -29.66 19.90
N ASP C 34 10.08 -30.47 20.83
CA ASP C 34 8.65 -30.89 20.80
C ASP C 34 7.84 -30.18 21.90
N LEU C 35 8.37 -29.12 22.51
CA LEU C 35 7.61 -28.30 23.51
C LEU C 35 7.10 -26.99 22.85
N GLN C 36 5.82 -26.69 23.00
CA GLN C 36 5.21 -25.44 22.48
C GLN C 36 5.59 -24.28 23.41
N THR C 37 6.04 -23.17 22.83
CA THR C 37 6.54 -21.99 23.57
C THR C 37 5.61 -20.81 23.33
N HIS C 38 4.97 -20.74 22.17
CA HIS C 38 4.08 -19.61 21.81
C HIS C 38 2.87 -20.09 21.00
N ARG C 39 1.82 -19.29 21.06
CA ARG C 39 0.60 -19.42 20.25
C ARG C 39 0.25 -18.00 19.83
N TRP C 40 -0.13 -17.80 18.58
CA TRP C 40 -0.71 -16.51 18.12
C TRP C 40 -1.94 -16.79 17.28
N SER C 41 -3.10 -16.78 17.94
CA SER C 41 -4.41 -16.97 17.29
C SER C 41 -4.72 -15.75 16.43
N ASN C 42 -5.39 -15.96 15.30
CA ASN C 42 -5.96 -14.86 14.48
C ASN C 42 -6.79 -13.91 15.36
N ASP C 43 -7.48 -14.43 16.38
CA ASP C 43 -8.43 -13.68 17.26
C ASP C 43 -7.68 -12.78 18.22
N SER C 44 -6.37 -12.99 18.43
CA SER C 44 -5.57 -12.30 19.47
C SER C 44 -4.69 -11.20 18.85
N ALA C 45 -4.65 -10.02 19.47
CA ALA C 45 -3.81 -8.88 19.03
C ALA C 45 -2.34 -9.19 19.33
N THR C 46 -2.08 -10.01 20.34
CA THR C 46 -0.75 -10.23 20.95
C THR C 46 -0.38 -11.70 20.87
N ILE C 47 0.91 -12.00 20.79
CA ILE C 47 1.47 -13.39 20.85
C ILE C 47 1.35 -13.87 22.30
N SER C 48 0.84 -15.09 22.52
CA SER C 48 0.72 -15.71 23.87
C SER C 48 1.91 -16.61 24.15
N PHE C 49 2.50 -16.45 25.35
CA PHE C 49 3.45 -17.38 25.98
C PHE C 49 2.70 -18.63 26.42
N THR C 50 3.21 -19.82 26.09
CA THR C 50 2.63 -21.11 26.52
C THR C 50 3.56 -21.77 27.54
N LYS C 51 4.64 -21.08 27.94
CA LYS C 51 5.56 -21.47 29.04
C LYS C 51 5.88 -20.22 29.87
N PRO C 52 6.20 -20.39 31.17
CA PRO C 52 6.67 -19.27 31.98
C PRO C 52 7.92 -18.61 31.38
N TRP C 53 8.72 -19.38 30.65
CA TRP C 53 10.08 -19.00 30.15
C TRP C 53 10.07 -18.60 28.67
N SER C 54 8.90 -18.37 28.07
CA SER C 54 8.71 -18.13 26.62
C SER C 54 9.33 -16.81 26.16
N GLN C 55 9.53 -15.84 27.04
CA GLN C 55 10.21 -14.56 26.71
C GLN C 55 11.72 -14.79 26.62
N GLY C 56 12.20 -15.98 27.00
CA GLY C 56 13.63 -16.29 27.04
C GLY C 56 14.37 -15.28 27.90
N LYS C 57 15.47 -14.72 27.39
CA LYS C 57 16.29 -13.71 28.10
C LYS C 57 16.07 -12.32 27.47
N LEU C 58 15.00 -12.12 26.69
CA LEU C 58 14.67 -10.78 26.16
C LEU C 58 14.14 -9.87 27.28
N SER C 59 14.64 -8.65 27.35
CA SER C 59 14.03 -7.58 28.19
C SER C 59 12.60 -7.36 27.69
N ASN C 60 11.78 -6.71 28.50
CA ASN C 60 10.37 -6.36 28.16
C ASN C 60 10.38 -5.46 26.91
N GLN C 61 11.33 -4.55 26.80
CA GLN C 61 11.38 -3.60 25.68
C GLN C 61 11.75 -4.33 24.39
N GLN C 62 12.67 -5.30 24.45
CA GLN C 62 13.10 -6.09 23.28
C GLN C 62 11.93 -6.97 22.80
N TRP C 63 11.23 -7.61 23.73
CA TRP C 63 10.04 -8.44 23.45
C TRP C 63 8.92 -7.58 22.84
N GLU C 64 8.62 -6.42 23.45
CA GLU C 64 7.55 -5.51 22.95
C GLU C 64 7.87 -5.09 21.52
N LYS C 65 9.13 -4.75 21.26
CA LYS C 65 9.65 -4.32 19.94
C LYS C 65 9.42 -5.45 18.91
N LEU C 66 9.76 -6.67 19.29
CA LEU C 66 9.69 -7.87 18.42
C LEU C 66 8.21 -8.16 18.14
N GLN C 67 7.36 -8.12 19.17
CA GLN C 67 5.91 -8.35 19.03
C GLN C 67 5.31 -7.30 18.09
N HIS C 68 5.66 -6.03 18.27
CA HIS C 68 5.11 -4.92 17.44
C HIS C 68 5.43 -5.20 15.96
N MET C 69 6.68 -5.56 15.68
CA MET C 69 7.13 -5.96 14.32
C MET C 69 6.21 -7.07 13.78
N PHE C 70 5.92 -8.10 14.57
CA PHE C 70 5.08 -9.23 14.12
C PHE C 70 3.65 -8.73 13.89
N GLN C 71 3.14 -7.83 14.74
CA GLN C 71 1.76 -7.29 14.61
C GLN C 71 1.61 -6.56 13.27
N VAL C 72 2.58 -5.74 12.90
CA VAL C 72 2.58 -5.03 11.60
C VAL C 72 2.71 -6.06 10.48
N TYR C 73 3.61 -7.03 10.63
CA TYR C 73 3.85 -8.11 9.65
C TYR C 73 2.54 -8.86 9.33
N ARG C 74 1.79 -9.27 10.34
CA ARG C 74 0.59 -10.10 10.12
C ARG C 74 -0.42 -9.36 9.24
N VAL C 75 -0.70 -8.09 9.56
CA VAL C 75 -1.59 -7.19 8.76
C VAL C 75 -1.00 -7.03 7.35
N SER C 76 0.28 -6.73 7.24
CA SER C 76 0.93 -6.44 5.94
C SER C 76 0.88 -7.68 5.05
N PHE C 77 1.25 -8.83 5.64
CA PHE C 77 1.27 -10.15 4.97
C PHE C 77 -0.09 -10.43 4.32
N THR C 78 -1.17 -10.21 5.08
CA THR C 78 -2.56 -10.49 4.64
C THR C 78 -2.84 -9.68 3.37
N ARG C 79 -2.52 -8.37 3.40
CA ARG C 79 -2.77 -7.49 2.22
C ARG C 79 -1.86 -7.91 1.06
N ASP C 80 -0.59 -8.21 1.32
CA ASP C 80 0.38 -8.59 0.27
C ASP C 80 -0.12 -9.81 -0.52
N ILE C 81 -0.58 -10.86 0.17
CA ILE C 81 -1.10 -12.08 -0.50
C ILE C 81 -2.33 -11.69 -1.34
N GLN C 82 -3.25 -10.91 -0.78
CA GLN C 82 -4.48 -10.49 -1.50
C GLN C 82 -4.06 -9.73 -2.76
N GLU C 83 -2.98 -8.95 -2.69
CA GLU C 83 -2.53 -8.13 -3.85
C GLU C 83 -1.85 -9.06 -4.85
N LEU C 84 -1.05 -10.02 -4.37
CA LEU C 84 -0.36 -10.98 -5.27
C LEU C 84 -1.40 -11.80 -6.06
N VAL C 85 -2.53 -12.15 -5.44
CA VAL C 85 -3.63 -12.89 -6.11
C VAL C 85 -4.17 -12.02 -7.26
N LYS C 86 -4.49 -10.75 -6.97
CA LYS C 86 -4.92 -9.78 -8.00
C LYS C 86 -3.85 -9.71 -9.10
N MET C 87 -2.58 -9.65 -8.71
CA MET C 87 -1.46 -9.53 -9.69
C MET C 87 -1.41 -10.74 -10.63
N MET C 88 -1.64 -11.96 -10.14
CA MET C 88 -1.46 -13.20 -10.93
C MET C 88 -2.79 -13.61 -11.56
N SER C 89 -3.88 -12.93 -11.23
CA SER C 89 -5.27 -13.22 -11.72
C SER C 89 -5.28 -13.34 -13.24
N PRO C 90 -6.04 -14.29 -13.84
CA PRO C 90 -6.76 -15.35 -13.11
C PRO C 90 -6.04 -16.70 -13.01
N LYS C 91 -4.70 -16.71 -13.16
CA LYS C 91 -3.84 -17.92 -13.03
C LYS C 91 -4.13 -18.62 -11.69
N GLU C 92 -4.06 -17.87 -10.59
CA GLU C 92 -4.28 -18.42 -9.23
C GLU C 92 -5.50 -17.74 -8.64
N ASP C 93 -6.37 -18.53 -8.01
CA ASP C 93 -7.64 -18.04 -7.40
C ASP C 93 -7.80 -18.70 -6.04
N TYR C 94 -8.67 -18.10 -5.23
CA TYR C 94 -9.11 -18.57 -3.89
C TYR C 94 -9.84 -19.89 -4.08
N PRO C 95 -9.87 -20.81 -3.09
CA PRO C 95 -9.22 -20.61 -1.80
C PRO C 95 -7.71 -20.89 -1.87
N ILE C 96 -6.93 -20.24 -1.00
CA ILE C 96 -5.44 -20.37 -0.95
C ILE C 96 -5.01 -20.64 0.49
N GLU C 97 -4.13 -21.62 0.66
CA GLU C 97 -3.42 -21.89 1.93
C GLU C 97 -1.95 -21.51 1.73
N ILE C 98 -1.41 -20.66 2.61
CA ILE C 98 0.04 -20.37 2.69
C ILE C 98 0.55 -20.81 4.06
N GLN C 99 1.64 -21.58 4.07
CA GLN C 99 2.32 -22.01 5.34
C GLN C 99 3.75 -21.48 5.31
N LEU C 100 4.22 -20.98 6.46
CA LEU C 100 5.65 -20.64 6.68
C LEU C 100 6.18 -21.53 7.80
N SER C 101 7.37 -22.06 7.60
CA SER C 101 8.19 -22.74 8.62
C SER C 101 9.52 -22.00 8.71
N ALA C 102 9.76 -21.32 9.83
CA ALA C 102 10.90 -20.41 10.01
C ALA C 102 11.49 -20.65 11.40
N GLY C 103 12.80 -20.53 11.51
CA GLY C 103 13.49 -20.70 12.79
C GLY C 103 14.96 -20.98 12.59
N CYS C 104 15.56 -21.70 13.53
CA CYS C 104 16.99 -21.99 13.55
C CYS C 104 17.20 -23.32 14.29
N GLU C 105 18.14 -24.13 13.81
CA GLU C 105 18.63 -25.33 14.54
C GLU C 105 19.89 -24.92 15.30
N MET C 106 19.92 -25.20 16.60
CA MET C 106 21.05 -24.83 17.49
C MET C 106 21.97 -26.04 17.65
N TYR C 107 23.27 -25.84 17.37
CA TYR C 107 24.35 -26.84 17.44
C TYR C 107 25.32 -26.45 18.55
N PRO C 108 26.13 -27.37 19.10
CA PRO C 108 27.08 -27.03 20.15
C PRO C 108 28.08 -25.98 19.64
N GLY C 109 28.47 -25.04 20.51
CA GLY C 109 29.62 -24.14 20.31
C GLY C 109 29.29 -22.96 19.42
N ASN C 110 28.16 -22.28 19.68
CA ASN C 110 27.77 -20.99 19.03
C ASN C 110 27.44 -21.18 17.55
N ALA C 111 27.28 -22.43 17.10
CA ALA C 111 26.89 -22.75 15.71
C ALA C 111 25.36 -22.84 15.63
N SER C 112 24.79 -22.41 14.52
CA SER C 112 23.36 -22.59 14.17
C SER C 112 23.17 -22.40 12.67
N GLU C 113 22.04 -22.88 12.16
CA GLU C 113 21.54 -22.65 10.78
C GLU C 113 20.10 -22.15 10.89
N SER C 114 19.77 -21.10 10.15
CA SER C 114 18.41 -20.51 10.11
C SER C 114 17.73 -20.92 8.81
N PHE C 115 16.41 -20.96 8.81
CA PHE C 115 15.60 -21.39 7.64
C PHE C 115 14.30 -20.58 7.62
N LEU C 116 13.80 -20.32 6.43
CA LEU C 116 12.47 -19.75 6.20
C LEU C 116 11.92 -20.37 4.93
N HIS C 117 11.05 -21.36 5.09
CA HIS C 117 10.44 -22.14 3.99
C HIS C 117 8.98 -21.75 3.90
N VAL C 118 8.48 -21.63 2.66
CA VAL C 118 7.07 -21.24 2.37
C VAL C 118 6.41 -22.31 1.52
N ALA C 119 5.23 -22.75 1.91
CA ALA C 119 4.43 -23.70 1.12
C ALA C 119 3.19 -22.97 0.61
N PHE C 120 2.83 -23.22 -0.64
CA PHE C 120 1.62 -22.72 -1.32
C PHE C 120 0.73 -23.92 -1.66
N GLN C 121 -0.50 -23.94 -1.15
CA GLN C 121 -1.48 -25.04 -1.32
C GLN C 121 -0.80 -26.35 -0.88
N GLY C 122 0.02 -26.30 0.15
CA GLY C 122 0.59 -27.49 0.80
C GLY C 122 1.86 -27.99 0.11
N LYS C 123 2.43 -27.24 -0.84
CA LYS C 123 3.71 -27.62 -1.51
C LYS C 123 4.78 -26.57 -1.21
N TYR C 124 5.96 -27.00 -0.76
CA TYR C 124 7.16 -26.16 -0.54
C TYR C 124 7.62 -25.58 -1.88
N VAL C 125 7.55 -24.26 -2.05
CA VAL C 125 7.86 -23.57 -3.35
C VAL C 125 8.89 -22.46 -3.19
N VAL C 126 9.01 -21.85 -2.00
CA VAL C 126 9.84 -20.63 -1.81
C VAL C 126 10.62 -20.74 -0.49
N ARG C 127 11.88 -20.31 -0.50
CA ARG C 127 12.64 -20.06 0.75
C ARG C 127 13.26 -18.67 0.70
N PHE C 128 13.61 -18.16 1.87
CA PHE C 128 14.58 -17.06 2.00
C PHE C 128 15.97 -17.67 2.10
N TRP C 129 16.91 -17.17 1.31
CA TRP C 129 18.29 -17.72 1.23
C TRP C 129 19.27 -16.56 1.02
N GLY C 130 20.17 -16.37 1.97
CA GLY C 130 21.19 -15.32 1.87
C GLY C 130 20.57 -13.96 2.05
N THR C 131 20.25 -13.28 0.95
CA THR C 131 19.71 -11.90 0.98
C THR C 131 18.41 -11.81 0.17
N SER C 132 17.84 -12.91 -0.31
CA SER C 132 16.61 -12.78 -1.13
C SER C 132 15.71 -14.02 -1.08
N TRP C 133 14.48 -13.83 -1.55
CA TRP C 133 13.50 -14.90 -1.80
C TRP C 133 13.94 -15.66 -3.06
N GLN C 134 13.81 -16.97 -3.06
CA GLN C 134 14.02 -17.78 -4.29
C GLN C 134 12.99 -18.91 -4.31
N THR C 135 12.62 -19.34 -5.51
CA THR C 135 11.84 -20.57 -5.72
C THR C 135 12.79 -21.77 -5.54
N VAL C 136 12.24 -22.91 -5.20
CA VAL C 136 13.03 -24.16 -4.99
C VAL C 136 12.74 -25.07 -6.18
N PRO C 137 13.57 -26.10 -6.43
CA PRO C 137 13.35 -26.99 -7.56
C PRO C 137 11.92 -27.54 -7.55
N GLY C 138 11.25 -27.53 -8.70
CA GLY C 138 9.89 -28.09 -8.82
C GLY C 138 8.80 -27.05 -8.69
N ALA C 139 9.12 -25.81 -8.32
CA ALA C 139 8.13 -24.71 -8.16
C ALA C 139 7.67 -24.25 -9.53
N PRO C 140 6.38 -23.87 -9.70
CA PRO C 140 5.90 -23.37 -10.98
C PRO C 140 6.50 -21.99 -11.33
N SER C 141 6.64 -21.73 -12.64
CA SER C 141 7.31 -20.55 -13.21
C SER C 141 6.57 -19.24 -12.86
N TRP C 142 5.24 -19.27 -12.69
CA TRP C 142 4.44 -18.04 -12.43
C TRP C 142 4.94 -17.36 -11.13
N LEU C 143 5.61 -18.10 -10.24
CA LEU C 143 6.11 -17.55 -8.96
C LEU C 143 7.26 -16.58 -9.22
N ASP C 144 7.92 -16.61 -10.38
CA ASP C 144 8.99 -15.63 -10.74
C ASP C 144 8.49 -14.18 -10.59
N LEU C 145 7.21 -13.88 -10.84
CA LEU C 145 6.68 -12.49 -10.73
C LEU C 145 6.54 -12.14 -9.24
N PRO C 146 5.77 -12.89 -8.43
CA PRO C 146 5.78 -12.67 -6.97
C PRO C 146 7.18 -12.52 -6.37
N ILE C 147 8.14 -13.35 -6.79
CA ILE C 147 9.53 -13.33 -6.23
C ILE C 147 10.19 -12.00 -6.59
N LYS C 148 10.05 -11.60 -7.85
CA LYS C 148 10.62 -10.33 -8.38
C LYS C 148 10.05 -9.16 -7.55
N VAL C 149 8.75 -9.20 -7.25
CA VAL C 149 8.06 -8.11 -6.51
C VAL C 149 8.53 -8.10 -5.05
N LEU C 150 8.52 -9.27 -4.41
CA LEU C 150 9.01 -9.43 -3.01
C LEU C 150 10.46 -8.97 -2.91
N ASN C 151 11.29 -9.29 -3.91
CA ASN C 151 12.75 -9.01 -3.86
C ASN C 151 12.99 -7.52 -4.14
N ALA C 152 12.01 -6.74 -4.62
CA ALA C 152 12.16 -5.28 -4.80
C ALA C 152 12.18 -4.59 -3.42
N ASP C 153 11.62 -5.24 -2.39
CA ASP C 153 11.45 -4.67 -1.03
C ASP C 153 12.73 -4.88 -0.19
N GLN C 154 13.68 -3.96 -0.32
CA GLN C 154 14.99 -4.01 0.39
C GLN C 154 14.76 -3.94 1.91
N GLY C 155 13.78 -3.16 2.37
CA GLY C 155 13.47 -3.01 3.81
C GLY C 155 13.08 -4.34 4.43
N THR C 156 12.18 -5.10 3.78
CA THR C 156 11.78 -6.44 4.23
C THR C 156 13.00 -7.37 4.20
N SER C 157 13.78 -7.36 3.11
CA SER C 157 14.97 -8.23 2.99
C SER C 157 15.94 -7.97 4.17
N ALA C 158 16.21 -6.72 4.52
CA ALA C 158 17.16 -6.39 5.63
C ALA C 158 16.60 -6.92 6.95
N THR C 159 15.29 -6.75 7.18
CA THR C 159 14.62 -7.22 8.41
C THR C 159 14.70 -8.75 8.47
N VAL C 160 14.38 -9.45 7.37
CA VAL C 160 14.35 -10.93 7.39
C VAL C 160 15.78 -11.41 7.65
N GLN C 161 16.76 -10.83 6.96
CA GLN C 161 18.18 -11.21 7.15
C GLN C 161 18.55 -11.10 8.63
N MET C 162 18.18 -10.00 9.29
CA MET C 162 18.49 -9.74 10.72
C MET C 162 17.80 -10.81 11.59
N LEU C 163 16.54 -11.14 11.29
CA LEU C 163 15.76 -12.11 12.10
C LEU C 163 16.39 -13.50 12.02
N LEU C 164 16.76 -13.93 10.81
CA LEU C 164 17.34 -15.28 10.59
C LEU C 164 18.76 -15.32 11.14
N ASN C 165 19.58 -14.32 10.81
CA ASN C 165 21.05 -14.38 11.07
C ASN C 165 21.33 -14.14 12.55
N ASP C 166 20.65 -13.16 13.16
CA ASP C 166 21.01 -12.58 14.48
C ASP C 166 19.92 -12.89 15.51
N THR C 167 18.70 -12.41 15.31
CA THR C 167 17.61 -12.46 16.33
C THR C 167 17.36 -13.92 16.73
N CYS C 168 17.16 -14.82 15.76
CA CYS C 168 16.72 -16.22 16.03
C CYS C 168 17.74 -16.91 16.93
N PRO C 169 19.02 -17.08 16.54
CA PRO C 169 19.96 -17.81 17.39
C PRO C 169 20.12 -17.16 18.77
N LEU C 170 20.19 -15.83 18.82
CA LEU C 170 20.30 -15.07 20.10
C LEU C 170 19.09 -15.39 20.99
N PHE C 171 17.88 -15.27 20.45
CA PHE C 171 16.63 -15.50 21.22
C PHE C 171 16.61 -16.94 21.75
N VAL C 172 16.94 -17.90 20.89
CA VAL C 172 16.85 -19.36 21.17
C VAL C 172 17.91 -19.76 22.22
N ARG C 173 19.11 -19.17 22.18
CA ARG C 173 20.16 -19.45 23.20
C ARG C 173 19.59 -19.10 24.58
N GLY C 174 18.90 -17.96 24.67
CA GLY C 174 18.19 -17.51 25.89
C GLY C 174 17.06 -18.42 26.30
N LEU C 175 16.25 -18.90 25.34
CA LEU C 175 15.14 -19.84 25.60
C LEU C 175 15.70 -21.12 26.22
N LEU C 176 16.77 -21.65 25.63
CA LEU C 176 17.39 -22.93 26.08
C LEU C 176 17.84 -22.78 27.54
N GLU C 177 18.41 -21.63 27.90
CA GLU C 177 18.83 -21.33 29.30
C GLU C 177 17.58 -21.27 30.18
N ALA C 178 16.59 -20.46 29.81
CA ALA C 178 15.40 -20.17 30.63
C ALA C 178 14.52 -21.43 30.78
N GLY C 179 14.44 -22.26 29.75
CA GLY C 179 13.53 -23.42 29.73
C GLY C 179 14.21 -24.72 30.10
N LYS C 180 15.47 -24.65 30.56
CA LYS C 180 16.40 -25.80 30.74
C LYS C 180 15.70 -26.93 31.52
N SER C 181 15.02 -26.58 32.61
CA SER C 181 14.42 -27.57 33.54
C SER C 181 13.20 -28.24 32.90
N ASP C 182 12.42 -27.54 32.06
CA ASP C 182 11.32 -28.18 31.30
C ASP C 182 11.91 -29.05 30.18
N LEU C 183 12.92 -28.55 29.47
CA LEU C 183 13.49 -29.25 28.29
C LEU C 183 14.16 -30.56 28.76
N GLU C 184 14.70 -30.58 29.97
CA GLU C 184 15.46 -31.73 30.51
C GLU C 184 14.58 -32.60 31.42
N LYS C 185 13.28 -32.28 31.55
CA LYS C 185 12.34 -33.06 32.40
C LYS C 185 12.39 -34.53 31.97
N GLN C 186 12.25 -35.43 32.95
CA GLN C 186 12.08 -36.89 32.76
C GLN C 186 10.71 -37.26 33.34
N GLU C 187 9.86 -37.92 32.55
CA GLU C 187 8.53 -38.42 32.97
C GLU C 187 8.48 -39.90 32.66
N LYS C 188 8.04 -40.73 33.61
CA LYS C 188 8.12 -42.21 33.50
C LYS C 188 6.99 -42.71 32.62
N PRO C 189 7.27 -43.67 31.72
CA PRO C 189 6.20 -44.38 31.03
C PRO C 189 5.43 -45.24 32.03
N VAL C 190 4.14 -45.45 31.77
CA VAL C 190 3.30 -46.52 32.37
C VAL C 190 2.88 -47.42 31.23
N ALA C 191 2.92 -48.74 31.41
CA ALA C 191 2.55 -49.70 30.36
C ALA C 191 1.33 -50.50 30.80
N TRP C 192 0.63 -51.08 29.83
CA TRP C 192 -0.48 -52.04 30.06
C TRP C 192 -0.69 -52.84 28.77
N LEU C 193 -1.23 -54.05 28.90
CA LEU C 193 -1.36 -55.01 27.77
C LEU C 193 -2.83 -55.17 27.41
N SER C 194 -3.09 -55.57 26.16
CA SER C 194 -4.43 -55.92 25.62
C SER C 194 -4.25 -56.77 24.36
N SER C 195 -5.35 -57.24 23.75
CA SER C 195 -5.33 -58.15 22.58
C SER C 195 -6.62 -58.00 21.76
N VAL C 196 -6.56 -58.32 20.47
CA VAL C 196 -7.69 -58.27 19.49
C VAL C 196 -7.50 -59.37 18.46
N PRO C 197 -8.53 -59.69 17.63
CA PRO C 197 -8.32 -60.51 16.43
C PRO C 197 -7.61 -59.68 15.34
N SER C 198 -6.74 -60.30 14.55
CA SER C 198 -5.87 -59.61 13.56
C SER C 198 -6.28 -59.99 12.12
N SER C 199 -7.58 -60.19 11.89
CA SER C 199 -8.19 -60.59 10.59
C SER C 199 -7.46 -61.80 9.99
N ALA C 200 -7.04 -62.75 10.84
CA ALA C 200 -6.46 -64.06 10.47
C ALA C 200 -7.07 -65.13 11.39
N HIS C 201 -7.67 -66.18 10.81
CA HIS C 201 -8.54 -67.18 11.50
C HIS C 201 -8.10 -67.37 12.97
N GLY C 202 -6.90 -67.89 13.20
CA GLY C 202 -6.42 -68.31 14.54
C GLY C 202 -5.42 -67.36 15.17
N HIS C 203 -5.19 -66.18 14.57
CA HIS C 203 -4.15 -65.19 14.97
C HIS C 203 -4.74 -64.15 15.94
N ARG C 204 -4.04 -63.89 17.04
CA ARG C 204 -4.30 -62.77 17.98
C ARG C 204 -3.27 -61.66 17.73
N GLN C 205 -3.64 -60.41 18.00
CA GLN C 205 -2.71 -59.25 18.00
C GLN C 205 -2.58 -58.73 19.44
N LEU C 206 -1.46 -59.03 20.11
CA LEU C 206 -1.12 -58.48 21.44
C LEU C 206 -0.70 -57.03 21.27
N VAL C 207 -1.15 -56.16 22.18
CA VAL C 207 -0.84 -54.71 22.17
C VAL C 207 -0.15 -54.38 23.49
N CYS C 208 1.04 -53.79 23.42
CA CYS C 208 1.72 -53.17 24.58
C CYS C 208 1.57 -51.65 24.50
N HIS C 209 0.77 -51.06 25.40
CA HIS C 209 0.51 -49.61 25.51
C HIS C 209 1.56 -49.00 26.44
N VAL C 210 2.23 -47.92 26.02
CA VAL C 210 3.21 -47.18 26.84
C VAL C 210 2.85 -45.69 26.77
N SER C 211 2.61 -45.06 27.91
CA SER C 211 2.03 -43.69 27.97
C SER C 211 2.62 -42.89 29.13
N GLY C 212 2.80 -41.58 28.92
CA GLY C 212 3.24 -40.62 29.94
C GLY C 212 4.75 -40.38 29.91
N PHE C 213 5.49 -40.92 28.95
CA PHE C 213 6.97 -40.81 28.94
C PHE C 213 7.38 -39.49 28.28
N TYR C 214 8.43 -38.88 28.84
CA TYR C 214 9.20 -37.75 28.27
C TYR C 214 10.64 -37.86 28.75
N PRO C 215 11.66 -37.64 27.90
CA PRO C 215 11.48 -37.28 26.48
C PRO C 215 11.17 -38.48 25.58
N LYS C 216 11.13 -38.22 24.26
CA LYS C 216 10.58 -39.13 23.22
C LYS C 216 11.35 -40.45 23.14
N PRO C 217 12.70 -40.47 23.13
CA PRO C 217 13.42 -41.72 22.90
C PRO C 217 13.01 -42.80 23.92
N VAL C 218 12.61 -43.97 23.42
CA VAL C 218 12.09 -45.11 24.22
C VAL C 218 12.40 -46.40 23.46
N TRP C 219 12.47 -47.51 24.17
CA TRP C 219 12.63 -48.87 23.61
C TRP C 219 11.49 -49.75 24.14
N VAL C 220 10.76 -50.41 23.25
CA VAL C 220 9.62 -51.29 23.60
C VAL C 220 9.72 -52.55 22.74
N MET C 221 9.82 -53.72 23.38
CA MET C 221 9.96 -55.03 22.70
C MET C 221 9.06 -56.08 23.36
N TRP C 222 8.32 -56.83 22.54
CA TRP C 222 7.72 -58.11 22.94
C TRP C 222 8.84 -59.14 23.06
N MET C 223 8.74 -60.02 24.06
CA MET C 223 9.82 -60.94 24.48
C MET C 223 9.24 -62.25 25.02
N ARG C 224 9.76 -63.39 24.56
CA ARG C 224 9.68 -64.69 25.27
C ARG C 224 11.00 -64.88 26.02
N GLY C 225 11.01 -64.57 27.32
CA GLY C 225 12.20 -64.62 28.19
C GLY C 225 13.25 -63.61 27.77
N ASP C 226 14.36 -64.07 27.19
CA ASP C 226 15.50 -63.24 26.73
C ASP C 226 15.44 -63.08 25.21
N GLN C 227 14.46 -63.71 24.55
CA GLN C 227 14.36 -63.74 23.06
C GLN C 227 13.45 -62.59 22.60
N GLU C 228 14.02 -61.61 21.90
CA GLU C 228 13.32 -60.44 21.32
C GLU C 228 12.45 -60.90 20.14
N GLN C 229 11.13 -60.75 20.26
CA GLN C 229 10.17 -61.18 19.21
C GLN C 229 10.28 -60.20 18.04
N GLN C 230 10.96 -60.63 16.96
CA GLN C 230 11.28 -59.84 15.75
C GLN C 230 10.01 -59.32 15.08
N GLY C 231 8.84 -59.91 15.36
CA GLY C 231 7.54 -59.51 14.78
C GLY C 231 7.00 -58.21 15.36
N THR C 232 7.51 -57.77 16.52
CA THR C 232 7.14 -56.50 17.19
C THR C 232 7.05 -55.36 16.17
N HIS C 233 5.92 -54.64 16.13
CA HIS C 233 5.71 -53.43 15.31
C HIS C 233 5.38 -52.26 16.24
N ARG C 234 6.27 -51.27 16.30
CA ARG C 234 6.04 -49.96 16.98
C ARG C 234 5.08 -49.15 16.11
N GLY C 235 4.01 -48.61 16.69
CA GLY C 235 3.21 -47.57 16.04
C GLY C 235 3.94 -46.23 16.03
N ASP C 236 3.25 -45.16 15.65
CA ASP C 236 3.79 -43.77 15.69
C ASP C 236 3.78 -43.30 17.15
N PHE C 237 4.69 -42.37 17.49
CA PHE C 237 4.63 -41.54 18.71
C PHE C 237 3.37 -40.66 18.64
N LEU C 238 2.44 -40.83 19.59
CA LEU C 238 1.20 -40.03 19.66
C LEU C 238 1.28 -39.12 20.87
N PRO C 239 0.90 -37.83 20.74
CA PRO C 239 0.98 -36.90 21.87
C PRO C 239 -0.16 -37.11 22.87
N ASN C 240 0.17 -36.91 24.15
CA ASN C 240 -0.78 -36.71 25.27
C ASN C 240 -0.93 -35.19 25.43
N ALA C 241 -2.03 -34.74 26.04
CA ALA C 241 -2.37 -33.31 26.22
C ALA C 241 -1.38 -32.64 27.19
N ASP C 242 -0.71 -33.41 28.06
CA ASP C 242 0.18 -32.88 29.12
C ASP C 242 1.65 -32.92 28.68
N GLU C 243 1.94 -32.88 27.39
CA GLU C 243 3.33 -32.78 26.84
C GLU C 243 4.15 -34.01 27.29
N THR C 244 3.52 -35.18 27.28
CA THR C 244 4.16 -36.51 27.34
C THR C 244 3.77 -37.26 26.08
N TRP C 245 4.32 -38.45 25.90
CA TRP C 245 4.19 -39.25 24.66
C TRP C 245 3.46 -40.58 24.95
N TYR C 246 2.84 -41.09 23.90
CA TYR C 246 2.12 -42.38 23.87
C TYR C 246 2.64 -43.17 22.68
N LEU C 247 2.93 -44.45 22.87
CA LEU C 247 3.42 -45.40 21.83
C LEU C 247 2.83 -46.78 22.14
N GLN C 248 2.43 -47.52 21.11
CA GLN C 248 2.03 -48.93 21.28
C GLN C 248 2.86 -49.81 20.35
N ALA C 249 3.21 -51.01 20.85
CA ALA C 249 3.97 -52.05 20.15
C ALA C 249 3.09 -53.29 20.03
N THR C 250 2.74 -53.69 18.81
CA THR C 250 1.84 -54.84 18.53
C THR C 250 2.71 -56.06 18.18
N LEU C 251 2.23 -57.26 18.50
CA LEU C 251 2.81 -58.56 18.07
C LEU C 251 1.68 -59.48 17.63
N ASP C 252 1.69 -59.89 16.37
CA ASP C 252 0.71 -60.86 15.80
C ASP C 252 1.17 -62.27 16.22
N VAL C 253 0.46 -62.87 17.17
CA VAL C 253 0.77 -64.22 17.75
C VAL C 253 -0.32 -65.20 17.30
N GLU C 254 -0.10 -66.48 17.60
CA GLU C 254 -1.12 -67.55 17.40
C GLU C 254 -1.85 -67.80 18.71
N ALA C 255 -3.18 -67.78 18.68
CA ALA C 255 -4.06 -68.02 19.85
C ALA C 255 -3.51 -69.22 20.62
N GLY C 256 -3.29 -69.07 21.93
CA GLY C 256 -2.66 -70.08 22.79
C GLY C 256 -1.23 -69.72 23.16
N GLU C 257 -0.45 -69.20 22.21
CA GLU C 257 1.00 -68.89 22.37
C GLU C 257 1.20 -67.68 23.28
N GLU C 258 0.13 -66.94 23.59
CA GLU C 258 0.15 -65.73 24.47
C GLU C 258 1.01 -65.99 25.71
N ALA C 259 0.89 -67.17 26.33
CA ALA C 259 1.63 -67.55 27.56
C ALA C 259 3.13 -67.49 27.27
N GLY C 260 3.92 -66.93 28.20
CA GLY C 260 5.38 -66.80 28.10
C GLY C 260 5.84 -65.45 27.57
N LEU C 261 4.95 -64.71 26.90
CA LEU C 261 5.27 -63.39 26.29
C LEU C 261 5.23 -62.30 27.36
N ALA C 262 6.28 -61.47 27.40
CA ALA C 262 6.31 -60.20 28.16
C ALA C 262 6.58 -59.03 27.19
N CYS C 263 6.16 -57.84 27.58
CA CYS C 263 6.54 -56.56 26.91
C CYS C 263 7.55 -55.85 27.81
N ARG C 264 8.75 -55.56 27.28
CA ARG C 264 9.81 -54.85 28.02
C ARG C 264 9.92 -53.41 27.51
N VAL C 265 10.01 -52.45 28.42
CA VAL C 265 10.12 -51.00 28.10
C VAL C 265 11.38 -50.46 28.76
N LYS C 266 12.25 -49.84 27.97
CA LYS C 266 13.43 -49.07 28.45
C LYS C 266 13.17 -47.59 28.19
N HIS C 267 13.39 -46.76 29.21
CA HIS C 267 13.31 -45.29 29.10
C HIS C 267 14.28 -44.66 30.09
N SER C 268 14.90 -43.54 29.68
CA SER C 268 15.86 -42.73 30.47
C SER C 268 15.31 -42.39 31.86
N SER C 269 13.99 -42.27 32.02
CA SER C 269 13.33 -41.84 33.28
C SER C 269 13.36 -42.95 34.33
N LEU C 270 13.55 -44.21 33.91
CA LEU C 270 13.39 -45.40 34.80
C LEU C 270 14.71 -45.76 35.49
N GLY C 271 15.80 -45.04 35.20
CA GLY C 271 17.12 -45.27 35.83
C GLY C 271 17.46 -46.75 35.84
N GLY C 272 17.36 -47.42 34.69
CA GLY C 272 17.79 -48.82 34.50
C GLY C 272 16.77 -49.85 34.98
N GLN C 273 15.73 -49.44 35.72
CA GLN C 273 14.63 -50.33 36.18
C GLN C 273 13.61 -50.47 35.05
N ASP C 274 13.90 -51.33 34.07
CA ASP C 274 13.02 -51.61 32.92
C ASP C 274 11.64 -52.03 33.43
N ILE C 275 10.59 -51.71 32.67
CA ILE C 275 9.23 -52.28 32.90
C ILE C 275 9.18 -53.61 32.14
N ILE C 276 8.72 -54.67 32.82
CA ILE C 276 8.44 -56.01 32.22
C ILE C 276 6.99 -56.36 32.60
N LEU C 277 6.11 -56.46 31.62
CA LEU C 277 4.71 -56.90 31.81
C LEU C 277 4.56 -58.28 31.15
N TYR C 278 4.26 -59.31 31.96
CA TYR C 278 3.97 -60.69 31.50
C TYR C 278 2.48 -60.78 31.19
N TRP C 279 2.13 -61.27 29.99
CA TRP C 279 0.73 -61.51 29.57
C TRP C 279 0.04 -62.45 30.58
N LYS D 3 -5.53 -34.82 1.06
CA LYS D 3 -5.26 -36.01 1.93
C LYS D 3 -6.42 -36.21 2.91
N THR D 4 -6.76 -37.48 3.18
CA THR D 4 -7.91 -37.96 3.99
C THR D 4 -7.49 -38.18 5.45
N PRO D 5 -8.15 -37.53 6.44
CA PRO D 5 -7.65 -37.51 7.81
C PRO D 5 -7.49 -38.92 8.44
N GLN D 6 -6.32 -39.20 9.02
CA GLN D 6 -6.10 -40.36 9.93
C GLN D 6 -6.57 -39.95 11.34
N ILE D 7 -7.26 -40.87 12.04
CA ILE D 7 -7.83 -40.63 13.39
C ILE D 7 -7.36 -41.75 14.31
N GLN D 8 -6.72 -41.40 15.41
CA GLN D 8 -6.25 -42.37 16.42
C GLN D 8 -6.85 -41.98 17.77
N VAL D 9 -7.55 -42.93 18.41
CA VAL D 9 -8.24 -42.74 19.71
C VAL D 9 -7.53 -43.63 20.74
N TYR D 10 -7.11 -43.05 21.86
CA TYR D 10 -6.33 -43.74 22.91
C TYR D 10 -6.53 -43.01 24.24
N SER D 11 -6.41 -43.73 25.35
CA SER D 11 -6.53 -43.19 26.72
C SER D 11 -5.14 -42.75 27.22
N ARG D 12 -5.11 -41.77 28.11
CA ARG D 12 -3.88 -41.23 28.73
C ARG D 12 -3.31 -42.25 29.72
N HIS D 13 -4.18 -42.86 30.53
CA HIS D 13 -3.84 -43.81 31.62
C HIS D 13 -4.44 -45.16 31.28
N PRO D 14 -3.95 -46.27 31.89
CA PRO D 14 -4.55 -47.60 31.69
C PRO D 14 -6.05 -47.54 31.99
N PRO D 15 -6.92 -48.02 31.09
CA PRO D 15 -8.36 -47.91 31.30
C PRO D 15 -8.86 -48.87 32.39
N GLU D 16 -9.55 -48.34 33.40
CA GLU D 16 -10.20 -49.15 34.47
C GLU D 16 -11.66 -48.70 34.65
N ASN D 17 -12.59 -49.63 34.47
CA ASN D 17 -14.05 -49.38 34.58
C ASN D 17 -14.34 -48.60 35.86
N GLY D 18 -15.00 -47.45 35.73
CA GLY D 18 -15.40 -46.59 36.86
C GLY D 18 -14.32 -45.64 37.32
N LYS D 19 -13.10 -45.66 36.75
CA LYS D 19 -11.99 -44.76 37.16
C LYS D 19 -11.90 -43.60 36.16
N PRO D 20 -11.92 -42.33 36.62
CA PRO D 20 -11.70 -41.18 35.73
C PRO D 20 -10.38 -41.32 34.96
N ASN D 21 -10.34 -40.79 33.73
CA ASN D 21 -9.23 -40.97 32.77
C ASN D 21 -9.33 -39.81 31.76
N ILE D 22 -8.42 -39.74 30.80
CA ILE D 22 -8.53 -38.75 29.69
C ILE D 22 -8.51 -39.53 28.38
N LEU D 23 -9.44 -39.19 27.48
CA LEU D 23 -9.52 -39.82 26.15
C LEU D 23 -8.97 -38.81 25.14
N ASN D 24 -8.06 -39.29 24.29
CA ASN D 24 -7.32 -38.52 23.27
C ASN D 24 -7.88 -38.89 21.91
N CYS D 25 -8.11 -37.89 21.08
CA CYS D 25 -8.39 -38.06 19.64
C CYS D 25 -7.38 -37.24 18.84
N TYR D 26 -6.47 -37.93 18.17
CA TYR D 26 -5.33 -37.37 17.41
C TYR D 26 -5.66 -37.49 15.92
N VAL D 27 -5.89 -36.35 15.27
CA VAL D 27 -6.28 -36.23 13.84
C VAL D 27 -5.09 -35.64 13.07
N THR D 28 -4.64 -36.35 12.03
CA THR D 28 -3.37 -36.07 11.32
C THR D 28 -3.55 -36.23 9.82
N GLN D 29 -2.53 -35.80 9.07
CA GLN D 29 -2.33 -36.05 7.62
C GLN D 29 -3.47 -35.44 6.81
N PHE D 30 -4.06 -34.32 7.25
CA PHE D 30 -5.18 -33.70 6.51
C PHE D 30 -4.79 -32.33 5.95
N HIS D 31 -5.50 -31.91 4.90
CA HIS D 31 -5.45 -30.58 4.27
C HIS D 31 -6.60 -30.49 3.26
N PRO D 32 -7.30 -29.34 3.14
CA PRO D 32 -6.95 -28.12 3.85
C PRO D 32 -7.23 -28.17 5.35
N PRO D 33 -6.77 -27.18 6.16
CA PRO D 33 -6.86 -27.27 7.62
C PRO D 33 -8.27 -27.14 8.24
N HIS D 34 -9.26 -26.67 7.49
CA HIS D 34 -10.65 -26.55 7.98
C HIS D 34 -11.16 -27.96 8.30
N ILE D 35 -11.55 -28.20 9.54
CA ILE D 35 -11.96 -29.55 10.04
C ILE D 35 -12.88 -29.36 11.23
N GLU D 36 -13.86 -30.24 11.39
CA GLU D 36 -14.72 -30.32 12.59
C GLU D 36 -14.46 -31.65 13.27
N ILE D 37 -14.09 -31.62 14.54
CA ILE D 37 -13.77 -32.82 15.35
C ILE D 37 -14.73 -32.85 16.54
N GLN D 38 -15.45 -33.95 16.68
CA GLN D 38 -16.37 -34.17 17.81
C GLN D 38 -15.93 -35.44 18.53
N MET D 39 -15.95 -35.43 19.86
CA MET D 39 -15.76 -36.65 20.68
C MET D 39 -17.12 -37.06 21.24
N LEU D 40 -17.49 -38.32 21.06
CA LEU D 40 -18.87 -38.81 21.31
C LEU D 40 -18.86 -39.80 22.47
N LYS D 41 -19.88 -39.70 23.32
CA LYS D 41 -20.26 -40.73 24.32
C LYS D 41 -21.60 -41.32 23.88
N ASN D 42 -21.63 -42.61 23.53
CA ASN D 42 -22.87 -43.31 23.11
C ASN D 42 -23.49 -42.54 21.93
N GLY D 43 -22.65 -42.02 21.04
CA GLY D 43 -23.04 -41.35 19.79
C GLY D 43 -23.57 -39.94 19.99
N LYS D 44 -23.37 -39.37 21.18
CA LYS D 44 -23.78 -37.98 21.53
C LYS D 44 -22.54 -37.13 21.81
N LYS D 45 -22.51 -35.89 21.29
CA LYS D 45 -21.46 -34.86 21.50
C LYS D 45 -21.15 -34.71 22.99
N ILE D 46 -19.90 -35.00 23.38
CA ILE D 46 -19.38 -34.66 24.74
C ILE D 46 -19.17 -33.15 24.77
N PRO D 47 -19.68 -32.43 25.79
CA PRO D 47 -19.47 -30.99 25.89
C PRO D 47 -18.07 -30.69 26.44
N LYS D 48 -17.54 -29.49 26.17
CA LYS D 48 -16.30 -28.99 26.81
C LYS D 48 -15.11 -29.91 26.46
N VAL D 49 -14.97 -30.31 25.19
CA VAL D 49 -13.78 -31.06 24.67
C VAL D 49 -12.67 -30.04 24.43
N GLU D 50 -11.45 -30.32 24.91
CA GLU D 50 -10.31 -29.39 24.74
C GLU D 50 -9.57 -29.73 23.45
N MET D 51 -9.21 -28.70 22.68
CA MET D 51 -8.42 -28.78 21.43
C MET D 51 -7.04 -28.16 21.66
N SER D 52 -5.97 -28.82 21.23
CA SER D 52 -4.62 -28.22 21.06
C SER D 52 -4.71 -27.17 19.96
N ASP D 53 -3.72 -26.31 19.83
CA ASP D 53 -3.62 -25.41 18.66
C ASP D 53 -3.34 -26.29 17.45
N MET D 54 -3.91 -25.95 16.30
CA MET D 54 -3.55 -26.69 15.07
C MET D 54 -2.09 -26.38 14.74
N SER D 55 -1.34 -27.39 14.32
CA SER D 55 0.07 -27.27 13.89
C SER D 55 0.24 -28.05 12.59
N PHE D 56 1.45 -28.17 12.06
CA PHE D 56 1.68 -29.03 10.88
C PHE D 56 3.05 -29.68 10.95
N SER D 57 3.22 -30.79 10.23
CA SER D 57 4.44 -31.65 10.25
C SER D 57 5.41 -31.19 9.17
N LYS D 58 6.58 -31.85 9.12
CA LYS D 58 7.65 -31.70 8.11
C LYS D 58 7.03 -31.69 6.70
N ASP D 59 6.02 -32.53 6.46
CA ASP D 59 5.38 -32.73 5.13
C ASP D 59 4.27 -31.70 4.87
N TRP D 60 4.05 -30.73 5.79
CA TRP D 60 3.10 -29.61 5.63
C TRP D 60 1.64 -30.03 5.86
N SER D 61 1.37 -31.31 6.15
CA SER D 61 0.02 -31.80 6.51
C SER D 61 -0.29 -31.38 7.95
N PHE D 62 -1.57 -31.14 8.24
CA PHE D 62 -2.04 -30.57 9.53
C PHE D 62 -2.31 -31.70 10.52
N TYR D 63 -2.27 -31.35 11.80
CA TYR D 63 -2.61 -32.24 12.93
C TYR D 63 -3.10 -31.39 14.10
N ILE D 64 -3.94 -32.01 14.92
CA ILE D 64 -4.53 -31.39 16.14
C ILE D 64 -4.88 -32.55 17.09
N LEU D 65 -4.81 -32.29 18.39
CA LEU D 65 -5.16 -33.23 19.46
C LEU D 65 -6.41 -32.71 20.16
N ALA D 66 -7.50 -33.47 20.11
CA ALA D 66 -8.69 -33.26 20.96
C ALA D 66 -8.54 -34.17 22.18
N HIS D 67 -8.96 -33.71 23.36
CA HIS D 67 -9.07 -34.61 24.54
C HIS D 67 -10.17 -34.14 25.47
N THR D 68 -10.62 -35.05 26.33
CA THR D 68 -11.75 -34.88 27.25
C THR D 68 -11.60 -35.86 28.43
N GLU D 69 -12.08 -35.48 29.61
CA GLU D 69 -12.26 -36.39 30.76
C GLU D 69 -13.30 -37.44 30.36
N PHE D 70 -13.09 -38.68 30.79
CA PHE D 70 -14.06 -39.79 30.61
C PHE D 70 -13.79 -40.83 31.68
N THR D 71 -14.80 -41.64 31.97
CA THR D 71 -14.72 -42.79 32.91
C THR D 71 -15.21 -44.00 32.13
N PRO D 72 -14.32 -44.91 31.72
CA PRO D 72 -14.77 -46.08 30.98
C PRO D 72 -15.72 -46.91 31.87
N THR D 73 -16.69 -47.59 31.24
CA THR D 73 -17.62 -48.59 31.84
C THR D 73 -17.72 -49.77 30.86
N GLU D 74 -18.37 -50.86 31.29
CA GLU D 74 -18.61 -52.04 30.43
C GLU D 74 -19.53 -51.63 29.27
N THR D 75 -20.46 -50.70 29.49
CA THR D 75 -21.61 -50.42 28.57
C THR D 75 -21.32 -49.24 27.64
N ASP D 76 -20.74 -48.14 28.14
CA ASP D 76 -20.60 -46.87 27.38
C ASP D 76 -19.59 -47.02 26.24
N THR D 77 -19.94 -46.51 25.05
CA THR D 77 -19.05 -46.45 23.86
C THR D 77 -18.53 -45.02 23.69
N TYR D 78 -17.27 -44.89 23.27
CA TYR D 78 -16.59 -43.60 23.07
C TYR D 78 -16.04 -43.57 21.64
N ALA D 79 -16.20 -42.44 20.98
CA ALA D 79 -15.80 -42.29 19.55
C ALA D 79 -15.30 -40.88 19.29
N CYS D 80 -14.61 -40.74 18.17
CA CYS D 80 -14.17 -39.44 17.63
C CYS D 80 -14.68 -39.35 16.20
N ARG D 81 -15.45 -38.30 15.92
CA ARG D 81 -16.13 -38.09 14.62
C ARG D 81 -15.55 -36.84 13.96
N VAL D 82 -15.12 -36.97 12.70
CA VAL D 82 -14.38 -35.93 11.93
C VAL D 82 -15.11 -35.64 10.61
N LYS D 83 -15.51 -34.39 10.40
CA LYS D 83 -15.98 -33.88 9.09
C LYS D 83 -14.84 -33.11 8.42
N HIS D 84 -14.56 -33.42 7.16
CA HIS D 84 -13.49 -32.79 6.37
C HIS D 84 -13.83 -32.90 4.87
N ALA D 85 -13.64 -31.79 4.13
CA ALA D 85 -13.99 -31.64 2.70
C ALA D 85 -13.55 -32.87 1.89
N SER D 86 -12.48 -33.55 2.31
CA SER D 86 -11.88 -34.71 1.60
C SER D 86 -12.75 -35.97 1.77
N MET D 87 -13.87 -35.87 2.50
CA MET D 87 -14.77 -37.02 2.77
C MET D 87 -16.22 -36.62 2.50
N ALA D 88 -16.92 -37.38 1.66
CA ALA D 88 -18.38 -37.21 1.39
C ALA D 88 -19.13 -37.31 2.72
N GLU D 89 -18.73 -38.26 3.58
CA GLU D 89 -19.42 -38.58 4.87
C GLU D 89 -18.45 -38.39 6.03
N PRO D 90 -18.94 -38.00 7.24
CA PRO D 90 -18.11 -37.99 8.43
C PRO D 90 -17.49 -39.38 8.70
N LYS D 91 -16.22 -39.40 9.07
CA LYS D 91 -15.53 -40.63 9.55
C LYS D 91 -15.67 -40.66 11.07
N THR D 92 -16.00 -41.84 11.61
CA THR D 92 -16.14 -42.11 13.06
C THR D 92 -15.17 -43.24 13.39
N VAL D 93 -14.27 -43.01 14.36
CA VAL D 93 -13.38 -44.07 14.91
C VAL D 93 -13.78 -44.28 16.37
N TYR D 94 -14.10 -45.54 16.73
CA TYR D 94 -14.56 -45.93 18.09
C TYR D 94 -13.33 -46.24 18.94
N TRP D 95 -13.34 -45.79 20.19
CA TRP D 95 -12.35 -46.22 21.21
C TRP D 95 -12.55 -47.71 21.46
N ASP D 96 -11.49 -48.49 21.28
CA ASP D 96 -11.41 -49.92 21.70
C ASP D 96 -10.22 -50.03 22.65
N ARG D 97 -10.49 -50.21 23.95
CA ARG D 97 -9.43 -50.30 24.99
C ARG D 97 -8.45 -51.43 24.64
N ASP D 98 -8.95 -52.50 24.00
CA ASP D 98 -8.19 -53.71 23.61
C ASP D 98 -7.21 -53.39 22.47
N MET D 99 -7.48 -52.35 21.69
CA MET D 99 -6.57 -51.82 20.64
C MET D 99 -5.70 -50.72 21.24
C1 NAG E . -15.81 -15.79 1.81
C2 NAG E . -17.33 -15.59 1.65
C3 NAG E . -18.09 -15.82 2.96
C4 NAG E . -17.69 -17.15 3.56
C5 NAG E . -16.18 -17.07 3.83
C6 NAG E . -15.61 -18.28 4.57
C7 NAG E . -17.87 -13.98 -0.10
C8 NAG E . -17.91 -12.53 -0.47
N2 NAG E . -17.57 -14.24 1.17
O3 NAG E . -19.50 -15.77 2.72
O4 NAG E . -18.46 -17.38 4.75
O5 NAG E . -15.50 -16.95 2.59
O6 NAG E . -15.60 -19.41 3.70
O7 NAG E . -18.07 -14.87 -0.92
C1 NAG E . -18.98 -18.73 4.91
C2 NAG E . -19.33 -18.97 6.38
C3 NAG E . -19.87 -20.40 6.57
C4 NAG E . -21.11 -20.58 5.73
C5 NAG E . -20.80 -20.27 4.26
C6 NAG E . -22.10 -20.19 3.45
C7 NAG E . -17.94 -17.59 7.90
C8 NAG E . -16.78 -17.60 8.84
N2 NAG E . -18.19 -18.76 7.29
O3 NAG E . -20.19 -20.64 7.95
O4 NAG E . -21.62 -21.92 5.90
O5 NAG E . -20.12 -19.00 4.08
O6 NAG E . -21.84 -20.56 2.08
O7 NAG E . -18.63 -16.58 7.72
C1 NAG F . -8.55 -12.56 11.56
C2 NAG F . -10.02 -12.33 11.31
C3 NAG F . -10.24 -11.09 10.46
C4 NAG F . -9.55 -9.91 11.10
C5 NAG F . -8.06 -10.25 11.31
C6 NAG F . -7.27 -9.08 11.91
C7 NAG F . -11.46 -14.25 11.00
C8 NAG F . -11.86 -15.35 10.06
N2 NAG F . -10.50 -13.47 10.59
O3 NAG F . -11.64 -10.86 10.35
O4 NAG F . -9.69 -8.74 10.26
O5 NAG F . -7.96 -11.40 12.15
O6 NAG F . -7.91 -8.60 13.09
O7 NAG F . -12.00 -14.12 12.08
C1 NAG F . -10.57 -7.77 10.86
C2 NAG F . -10.24 -6.41 10.26
C3 NAG F . -11.30 -5.37 10.60
C4 NAG F . -12.62 -5.89 10.06
C5 NAG F . -12.95 -7.16 10.85
C6 NAG F . -14.28 -7.74 10.42
C7 NAG F . -7.98 -5.68 9.80
C8 NAG F . -6.63 -5.27 10.31
N2 NAG F . -8.94 -5.94 10.69
O3 NAG F . -10.94 -4.12 10.01
O4 NAG F . -13.65 -4.91 10.19
O5 NAG F . -11.92 -8.15 10.67
O6 NAG F . -14.65 -8.78 11.35
O7 NAG F . -8.23 -5.79 8.62
C1 NAG G . 22.82 -13.16 6.62
C2 NAG G . 23.56 -11.97 6.03
C3 NAG G . 23.70 -12.15 4.53
C4 NAG G . 24.32 -13.52 4.24
C5 NAG G . 23.54 -14.65 4.89
C6 NAG G . 24.13 -16.03 4.55
C7 NAG G . 23.09 -9.97 7.40
C8 NAG G . 22.46 -8.62 7.41
N2 NAG G . 22.90 -10.70 6.29
O3 NAG G . 24.47 -11.06 4.03
O4 NAG G . 24.21 -13.78 2.84
O5 NAG G . 23.43 -14.42 6.31
O6 NAG G . 23.48 -17.07 5.30
O7 NAG G . 23.77 -10.38 8.33
C1 NAG G . 25.41 -13.56 2.10
C2 NAG G . 25.28 -14.34 0.80
C3 NAG G . 26.44 -13.99 -0.15
C4 NAG G . 26.47 -12.48 -0.36
C5 NAG G . 26.62 -11.78 0.99
C6 NAG G . 26.62 -10.26 0.83
C7 NAG G . 24.41 -16.61 0.40
C8 NAG G . 24.51 -18.07 0.73
N2 NAG G . 25.24 -15.78 1.05
O3 NAG G . 26.27 -14.67 -1.40
O4 NAG G . 27.56 -12.14 -1.22
O5 NAG G . 25.55 -12.15 1.86
O6 NAG G . 25.77 -9.62 1.80
O7 NAG G . 23.61 -16.24 -0.44
C1 FUC G . 22.44 -17.83 4.62
C2 FUC G . 22.16 -19.10 5.44
C3 FUC G . 21.57 -18.72 6.80
C4 FUC G . 20.26 -17.95 6.57
C5 FUC G . 20.56 -16.73 5.70
C6 FUC G . 19.30 -15.91 5.42
O2 FUC G . 23.38 -19.84 5.59
O3 FUC G . 21.37 -19.86 7.66
O4 FUC G . 19.27 -18.76 5.91
O5 FUC G . 21.18 -17.15 4.46
C1 GOL H . 9.16 10.22 -8.78
O1 GOL H . 10.53 10.11 -9.11
C2 GOL H . 8.30 10.29 -10.02
O2 GOL H . 9.11 10.75 -11.10
C3 GOL H . 7.09 11.19 -9.88
O3 GOL H . 6.30 11.17 -11.06
C1 GOL I . 6.55 7.47 -3.89
O1 GOL I . 6.01 6.53 -2.97
C2 GOL I . 5.90 7.32 -5.25
O2 GOL I . 6.84 6.82 -6.20
C3 GOL I . 5.33 8.59 -5.82
O3 GOL I . 5.69 8.75 -7.19
NA NA J . 3.82 20.47 4.71
NA NA K . -8.50 13.78 -4.14
C1 GOL L . 4.73 -15.78 14.53
O1 GOL L . 5.72 -15.58 15.53
C2 GOL L . 5.29 -15.60 13.14
O2 GOL L . 4.25 -15.20 12.24
C3 GOL L . 5.99 -16.84 12.61
O3 GOL L . 5.97 -16.91 11.18
C1 GOL M . 10.22 -29.71 3.12
O1 GOL M . 9.28 -29.74 2.04
C2 GOL M . 10.02 -28.48 3.99
O2 GOL M . 10.84 -27.42 3.50
C3 GOL M . 10.30 -28.73 5.46
O3 GOL M . 9.88 -27.62 6.27
C4 MVV N . 9.54 -2.05 5.75
C5 MVV N . 8.49 -2.55 6.72
C6 MVV N . 8.56 -1.72 8.03
C3 MVV N . 9.30 -2.61 4.34
CAR MVV N . -1.09 -16.46 -6.19
CAB MVV N . -0.66 -15.42 -5.17
CAA MVV N . 0.07 -16.08 -4.01
CAC MVV N . 1.53 -16.25 -4.36
CAD MVV N . 2.38 -16.15 -3.12
CAE MVV N . 2.93 -17.51 -2.70
CAF MVV N . 4.40 -17.36 -2.31
CAG MVV N . 4.50 -16.44 -1.09
CAH MVV N . 5.78 -15.67 -1.17
CAI MVV N . 6.77 -16.15 -0.12
CAJ MVV N . 6.99 -15.08 0.94
CAK MVV N . 5.70 -14.85 1.72
CAL MVV N . 6.02 -13.80 2.79
CAM MVV N . 5.84 -12.41 2.17
CAN MVV N . 6.69 -11.40 2.93
CAO MVV N . 5.95 -11.00 4.19
CAP MVV N . 5.13 -9.72 3.94
CAQ MVV N . 6.03 -8.54 4.25
OAS MVV N . 7.25 -8.64 4.28
OAT MVV N . 5.38 -7.42 4.58
CAU MVV N . 5.55 -7.38 5.99
CAV MVV N . 6.52 -6.30 6.36
CBM MVV N . 5.99 -4.97 5.84
O1 MVV N . 6.91 -4.44 4.87
C1 MVV N . 6.89 -2.97 4.90
O5 MVV N . 7.17 -2.37 6.20
O6 MVV N . 7.98 -2.45 9.12
O4 MVV N . 10.82 -2.47 6.22
O3 MVV N . 10.15 -1.93 3.43
C2 MVV N . 7.85 -2.39 3.89
O2 MVV N . 7.59 -3.02 2.63
OAW MVV N . 6.58 -6.30 7.79
CAX MVV N . 7.80 -5.93 8.32
OBL MVV N . 7.99 -4.96 9.04
CAY MVV N . 8.94 -6.93 8.07
CAZ MVV N . 8.64 -8.17 8.89
CBA MVV N . 9.07 -9.39 8.12
CBB MVV N . 9.00 -10.56 9.10
CBC MVV N . 8.88 -11.88 8.34
CBD MVV N . 8.56 -12.93 9.37
CBE MVV N . 8.59 -14.31 8.74
CBF MVV N . 8.43 -15.30 9.88
CBG MVV N . 9.51 -15.66 10.69
CBH MVV N . 10.97 -15.29 10.36
CBI MVV N . 11.82 -15.14 11.65
CBJ MVV N . 12.08 -16.47 12.38
CBK MVV N . 12.00 -16.29 13.90
CBN MVV N . 12.97 -15.22 14.40
CBO MVV N . 13.04 -15.23 15.94
CBP MVV N . 12.02 -14.28 16.58
CBQ MVV N . 11.05 -15.00 17.55
NA NA O . 0.02 -5.10 -0.25
NA NA P . 9.26 -15.54 30.10
NA NA Q . 11.83 -15.72 30.71
#